data_2JY0
#
_entry.id   2JY0
#
_entity_poly.entity_id   1
_entity_poly.type   'polypeptide(L)'
_entity_poly.pdbx_seq_one_letter_code
;MDREMAASAGGAVFVGLVLLTLSPHYK
;
_entity_poly.pdbx_strand_id   A
#
# COMPACT_ATOMS: atom_id res chain seq x y z
N MET A 1 16.66 15.43 -4.11
CA MET A 1 16.81 13.94 -4.11
C MET A 1 17.67 13.52 -2.90
N ASP A 2 17.05 13.43 -1.75
CA ASP A 2 17.78 13.03 -0.50
C ASP A 2 16.80 12.54 0.57
N ARG A 3 17.30 12.08 1.69
CA ARG A 3 16.44 11.57 2.80
C ARG A 3 15.58 10.37 2.35
N GLU A 4 16.20 9.23 2.14
CA GLU A 4 15.46 8.01 1.69
C GLU A 4 14.64 7.44 2.86
N MET A 5 15.22 7.36 4.04
CA MET A 5 14.48 6.82 5.22
C MET A 5 13.27 7.70 5.53
N ALA A 6 13.36 8.98 5.25
CA ALA A 6 12.22 9.92 5.51
C ALA A 6 11.00 9.54 4.64
N ALA A 7 11.23 9.04 3.45
CA ALA A 7 10.08 8.64 2.56
C ALA A 7 9.47 7.31 3.02
N SER A 8 10.24 6.46 3.68
CA SER A 8 9.71 5.15 4.16
C SER A 8 8.63 5.35 5.25
N ALA A 9 7.90 4.30 5.55
CA ALA A 9 6.81 4.35 6.59
C ALA A 9 5.77 5.43 6.28
N GLY A 10 5.55 5.75 5.02
CA GLY A 10 4.55 6.78 4.65
C GLY A 10 4.26 6.71 3.14
N GLY A 11 3.86 5.57 2.64
CA GLY A 11 3.56 5.42 1.19
C GLY A 11 3.51 3.93 0.84
N ALA A 12 4.60 3.22 1.03
CA ALA A 12 4.63 1.76 0.71
C ALA A 12 3.61 1.02 1.59
N VAL A 13 3.53 1.36 2.86
CA VAL A 13 2.56 0.69 3.78
C VAL A 13 1.12 0.91 3.24
N PHE A 14 0.84 2.09 2.75
CA PHE A 14 -0.52 2.39 2.19
C PHE A 14 -0.77 1.54 0.92
N VAL A 15 0.24 1.36 0.09
CA VAL A 15 0.07 0.53 -1.15
C VAL A 15 -0.34 -0.90 -0.75
N GLY A 16 0.32 -1.46 0.25
CA GLY A 16 -0.01 -2.84 0.72
C GLY A 16 -1.44 -2.85 1.30
N LEU A 17 -1.81 -1.79 1.99
CA LEU A 17 -3.19 -1.69 2.58
C LEU A 17 -4.25 -1.69 1.46
N VAL A 18 -4.01 -0.93 0.41
CA VAL A 18 -4.98 -0.87 -0.72
C VAL A 18 -5.15 -2.28 -1.32
N LEU A 19 -4.07 -3.01 -1.47
CA LEU A 19 -4.14 -4.40 -2.02
C LEU A 19 -4.91 -5.32 -1.07
N LEU A 20 -4.66 -5.21 0.22
CA LEU A 20 -5.37 -6.07 1.23
C LEU A 20 -6.88 -5.80 1.18
N THR A 21 -7.29 -4.58 0.96
CA THR A 21 -8.75 -4.25 0.88
C THR A 21 -9.35 -4.96 -0.34
N LEU A 22 -8.62 -5.03 -1.42
CA LEU A 22 -9.11 -5.70 -2.67
C LEU A 22 -8.96 -7.22 -2.54
N SER A 23 -7.80 -7.70 -2.16
CA SER A 23 -7.58 -9.17 -2.02
C SER A 23 -6.41 -9.45 -1.06
N PRO A 24 -6.72 -10.06 0.07
CA PRO A 24 -5.66 -10.38 1.08
C PRO A 24 -4.88 -11.67 0.77
N HIS A 25 -4.80 -12.08 -0.48
CA HIS A 25 -4.05 -13.33 -0.88
C HIS A 25 -4.55 -14.55 -0.08
N TYR A 26 -5.73 -15.01 -0.40
CA TYR A 26 -6.31 -16.20 0.31
C TYR A 26 -5.51 -17.47 -0.02
N LYS A 27 -5.55 -18.46 0.83
CA LYS A 27 -4.80 -19.73 0.59
C LYS A 27 -5.64 -20.94 1.02
N MET A 1 21.51 11.35 5.98
CA MET A 1 20.90 12.09 4.83
C MET A 1 20.45 11.09 3.75
N ASP A 2 19.28 10.54 3.91
CA ASP A 2 18.76 9.55 2.92
C ASP A 2 17.81 10.24 1.93
N ARG A 3 17.99 9.97 0.65
CA ARG A 3 17.13 10.57 -0.42
C ARG A 3 17.26 9.74 -1.70
N GLU A 4 17.03 8.46 -1.59
CA GLU A 4 17.13 7.53 -2.76
C GLU A 4 15.79 6.83 -3.04
N MET A 5 14.86 6.85 -2.11
CA MET A 5 13.53 6.18 -2.32
C MET A 5 12.40 7.13 -1.90
N ALA A 6 12.39 7.58 -0.67
CA ALA A 6 11.32 8.51 -0.15
C ALA A 6 9.92 7.90 -0.35
N ALA A 7 9.79 6.60 -0.22
CA ALA A 7 8.46 5.93 -0.40
C ALA A 7 8.27 4.82 0.64
N SER A 8 9.28 3.99 0.86
CA SER A 8 9.17 2.88 1.85
C SER A 8 9.13 3.44 3.29
N ALA A 9 7.95 3.78 3.75
CA ALA A 9 7.75 4.34 5.12
C ALA A 9 6.25 4.52 5.39
N GLY A 10 5.61 5.38 4.62
CA GLY A 10 4.15 5.62 4.80
C GLY A 10 3.42 5.30 3.48
N GLY A 11 3.88 5.86 2.38
CA GLY A 11 3.25 5.61 1.05
C GLY A 11 3.29 4.11 0.72
N ALA A 12 4.43 3.47 0.88
CA ALA A 12 4.54 2.00 0.58
C ALA A 12 3.60 1.21 1.51
N VAL A 13 3.58 1.56 2.78
CA VAL A 13 2.69 0.85 3.76
C VAL A 13 1.22 0.99 3.31
N PHE A 14 0.86 2.12 2.76
CA PHE A 14 -0.54 2.34 2.28
C PHE A 14 -0.79 1.52 1.00
N VAL A 15 0.21 1.39 0.14
CA VAL A 15 0.03 0.59 -1.12
C VAL A 15 -0.35 -0.86 -0.75
N GLY A 16 0.35 -1.45 0.19
CA GLY A 16 0.04 -2.84 0.63
C GLY A 16 -1.36 -2.87 1.25
N LEU A 17 -1.73 -1.82 1.95
CA LEU A 17 -3.09 -1.75 2.59
C LEU A 17 -4.17 -1.75 1.51
N VAL A 18 -3.97 -1.01 0.43
CA VAL A 18 -4.97 -0.96 -0.69
C VAL A 18 -5.15 -2.38 -1.28
N LEU A 19 -4.08 -3.11 -1.44
CA LEU A 19 -4.18 -4.51 -2.00
C LEU A 19 -4.94 -5.41 -1.02
N LEU A 20 -4.76 -5.23 0.27
CA LEU A 20 -5.49 -6.07 1.28
C LEU A 20 -7.00 -5.83 1.14
N THR A 21 -7.39 -4.59 0.95
CA THR A 21 -8.86 -4.28 0.81
C THR A 21 -9.37 -4.70 -0.58
N LEU A 22 -8.48 -4.83 -1.55
CA LEU A 22 -8.89 -5.24 -2.94
C LEU A 22 -9.62 -6.60 -2.92
N SER A 23 -9.07 -7.59 -2.24
CA SER A 23 -9.71 -8.95 -2.16
C SER A 23 -9.74 -9.62 -3.54
N PRO A 24 -8.86 -10.58 -3.75
CA PRO A 24 -8.81 -11.31 -5.05
C PRO A 24 -10.09 -12.15 -5.27
N HIS A 25 -10.48 -12.34 -6.50
CA HIS A 25 -11.72 -13.13 -6.81
C HIS A 25 -11.35 -14.53 -7.35
N TYR A 26 -10.40 -14.61 -8.25
CA TYR A 26 -9.99 -15.93 -8.82
C TYR A 26 -9.24 -16.76 -7.76
N LYS A 27 -8.32 -16.15 -7.04
CA LYS A 27 -7.55 -16.90 -5.99
C LYS A 27 -8.09 -16.54 -4.61
N MET A 1 -1.08 14.34 0.81
CA MET A 1 -0.65 15.78 0.75
C MET A 1 0.43 16.05 1.80
N ASP A 2 1.06 17.21 1.74
CA ASP A 2 2.13 17.60 2.71
C ASP A 2 3.31 16.60 2.69
N ARG A 3 4.16 16.64 3.70
CA ARG A 3 5.33 15.70 3.75
C ARG A 3 5.31 14.90 5.06
N GLU A 4 5.67 15.53 6.17
CA GLU A 4 5.70 14.84 7.51
C GLU A 4 6.53 13.54 7.47
N MET A 5 7.53 13.45 6.60
CA MET A 5 8.40 12.23 6.50
C MET A 5 7.54 10.95 6.39
N ALA A 6 6.81 10.81 5.31
CA ALA A 6 5.95 9.59 5.11
C ALA A 6 6.54 8.61 4.08
N ALA A 7 7.80 8.77 3.70
CA ALA A 7 8.43 7.84 2.70
C ALA A 7 8.65 6.46 3.33
N SER A 8 9.09 6.41 4.57
CA SER A 8 9.32 5.10 5.25
C SER A 8 8.11 4.78 6.13
N ALA A 9 7.58 3.58 6.02
CA ALA A 9 6.38 3.15 6.83
C ALA A 9 5.20 4.11 6.61
N GLY A 10 5.00 4.56 5.38
CA GLY A 10 3.87 5.48 5.09
C GLY A 10 3.28 5.15 3.71
N GLY A 11 3.85 5.70 2.66
CA GLY A 11 3.35 5.42 1.28
C GLY A 11 3.43 3.92 0.96
N ALA A 12 4.53 3.29 1.30
CA ALA A 12 4.70 1.82 1.04
C ALA A 12 3.61 1.03 1.80
N VAL A 13 3.36 1.39 3.04
CA VAL A 13 2.32 0.69 3.85
C VAL A 13 0.94 0.89 3.19
N PHE A 14 0.67 2.09 2.72
CA PHE A 14 -0.63 2.39 2.06
C PHE A 14 -0.80 1.52 0.80
N VAL A 15 0.26 1.32 0.03
CA VAL A 15 0.17 0.48 -1.21
C VAL A 15 -0.23 -0.95 -0.81
N GLY A 16 0.40 -1.51 0.19
CA GLY A 16 0.07 -2.89 0.64
C GLY A 16 -1.35 -2.90 1.26
N LEU A 17 -1.69 -1.84 1.97
CA LEU A 17 -3.05 -1.73 2.62
C LEU A 17 -4.14 -1.72 1.54
N VAL A 18 -3.96 -0.94 0.48
CA VAL A 18 -4.99 -0.89 -0.61
C VAL A 18 -5.14 -2.28 -1.25
N LEU A 19 -4.04 -2.97 -1.45
CA LEU A 19 -4.09 -4.35 -2.05
C LEU A 19 -4.84 -5.31 -1.13
N LEU A 20 -4.69 -5.16 0.17
CA LEU A 20 -5.38 -6.06 1.14
C LEU A 20 -6.90 -5.81 1.09
N THR A 21 -7.31 -4.56 1.11
CA THR A 21 -8.78 -4.23 1.06
C THR A 21 -9.37 -4.72 -0.28
N LEU A 22 -8.67 -4.51 -1.38
CA LEU A 22 -9.17 -4.97 -2.71
C LEU A 22 -9.29 -6.50 -2.74
N SER A 23 -8.37 -7.21 -2.11
CA SER A 23 -8.42 -8.70 -2.08
C SER A 23 -8.48 -9.19 -0.62
N PRO A 24 -9.67 -9.16 -0.05
CA PRO A 24 -9.85 -9.60 1.37
C PRO A 24 -9.86 -11.14 1.44
N HIS A 25 -8.69 -11.74 1.35
CA HIS A 25 -8.56 -13.24 1.40
C HIS A 25 -9.38 -13.92 0.28
N TYR A 26 -9.72 -13.19 -0.77
CA TYR A 26 -10.52 -13.78 -1.90
C TYR A 26 -10.53 -12.80 -3.08
N LYS A 27 -10.56 -13.31 -4.30
CA LYS A 27 -10.59 -12.44 -5.51
C LYS A 27 -11.80 -12.77 -6.41
N MET A 1 2.51 13.68 -7.79
CA MET A 1 3.90 13.20 -7.52
C MET A 1 4.76 14.36 -6.97
N ASP A 2 5.88 14.05 -6.35
CA ASP A 2 6.76 15.12 -5.80
C ASP A 2 8.18 14.59 -5.51
N ARG A 3 8.32 13.60 -4.66
CA ARG A 3 9.68 13.06 -4.32
C ARG A 3 9.81 11.59 -4.77
N GLU A 4 8.94 10.73 -4.30
CA GLU A 4 8.96 9.26 -4.65
C GLU A 4 10.27 8.60 -4.22
N MET A 5 10.96 9.15 -3.24
CA MET A 5 12.26 8.55 -2.77
C MET A 5 12.70 9.13 -1.41
N ALA A 6 12.56 10.43 -1.21
CA ALA A 6 12.96 11.07 0.08
C ALA A 6 12.22 10.45 1.28
N ALA A 7 10.92 10.31 1.19
CA ALA A 7 10.13 9.72 2.31
C ALA A 7 9.80 8.25 2.00
N SER A 8 10.68 7.36 2.35
CA SER A 8 10.45 5.90 2.08
C SER A 8 9.72 5.25 3.27
N ALA A 9 9.24 4.03 3.09
CA ALA A 9 8.51 3.27 4.16
C ALA A 9 7.12 3.85 4.48
N GLY A 10 6.69 4.92 3.84
CA GLY A 10 5.35 5.50 4.13
C GLY A 10 4.37 5.10 3.02
N GLY A 11 4.61 5.56 1.81
CA GLY A 11 3.73 5.23 0.65
C GLY A 11 3.62 3.70 0.49
N ALA A 12 4.72 2.99 0.68
CA ALA A 12 4.69 1.49 0.53
C ALA A 12 3.68 0.86 1.49
N VAL A 13 3.63 1.33 2.72
CA VAL A 13 2.65 0.77 3.72
C VAL A 13 1.21 1.01 3.21
N PHE A 14 0.95 2.17 2.64
CA PHE A 14 -0.42 2.46 2.12
C PHE A 14 -0.72 1.57 0.91
N VAL A 15 0.24 1.35 0.03
CA VAL A 15 0.03 0.47 -1.17
C VAL A 15 -0.36 -0.95 -0.71
N GLY A 16 0.28 -1.46 0.31
CA GLY A 16 -0.03 -2.83 0.82
C GLY A 16 -1.45 -2.86 1.40
N LEU A 17 -1.84 -1.81 2.10
CA LEU A 17 -3.22 -1.76 2.69
C LEU A 17 -4.28 -1.71 1.58
N VAL A 18 -4.04 -0.95 0.54
CA VAL A 18 -5.02 -0.86 -0.60
C VAL A 18 -5.17 -2.25 -1.24
N LEU A 19 -4.08 -2.97 -1.39
CA LEU A 19 -4.14 -4.33 -2.01
C LEU A 19 -4.89 -5.29 -1.08
N LEU A 20 -4.68 -5.18 0.22
CA LEU A 20 -5.39 -6.07 1.20
C LEU A 20 -6.91 -5.89 1.06
N THR A 21 -7.37 -4.66 0.91
CA THR A 21 -8.83 -4.40 0.76
C THR A 21 -9.32 -4.95 -0.60
N LEU A 22 -8.45 -4.94 -1.60
CA LEU A 22 -8.83 -5.46 -2.96
C LEU A 22 -9.00 -6.99 -2.94
N SER A 23 -8.23 -7.68 -2.11
CA SER A 23 -8.32 -9.18 -2.01
C SER A 23 -8.02 -9.86 -3.36
N PRO A 24 -6.82 -9.63 -3.86
CA PRO A 24 -6.40 -10.24 -5.16
C PRO A 24 -6.15 -11.74 -5.00
N HIS A 25 -6.58 -12.54 -5.96
CA HIS A 25 -6.38 -14.02 -5.89
C HIS A 25 -4.87 -14.37 -5.88
N TYR A 26 -4.05 -13.57 -6.49
CA TYR A 26 -2.57 -13.84 -6.51
C TYR A 26 -1.84 -12.76 -5.69
N LYS A 27 -0.72 -13.12 -5.09
CA LYS A 27 0.06 -12.14 -4.27
C LYS A 27 1.46 -12.69 -3.95
N MET A 1 16.06 11.36 6.91
CA MET A 1 16.37 10.02 6.31
C MET A 1 16.10 10.05 4.79
N ASP A 2 16.36 8.96 4.11
CA ASP A 2 16.13 8.90 2.64
C ASP A 2 14.92 8.00 2.31
N ARG A 3 13.97 7.88 3.22
CA ARG A 3 12.76 7.02 2.97
C ARG A 3 11.58 7.49 3.85
N GLU A 4 11.23 8.76 3.75
CA GLU A 4 10.09 9.29 4.57
C GLU A 4 8.96 9.80 3.66
N MET A 5 8.69 9.11 2.58
CA MET A 5 7.61 9.51 1.63
C MET A 5 7.30 8.36 0.66
N ALA A 6 8.28 7.97 -0.14
CA ALA A 6 8.07 6.86 -1.13
C ALA A 6 7.85 5.52 -0.41
N ALA A 7 8.43 5.33 0.76
CA ALA A 7 8.26 4.04 1.52
C ALA A 7 8.39 4.31 3.02
N SER A 8 7.28 4.61 3.66
CA SER A 8 7.28 4.90 5.13
C SER A 8 5.88 4.71 5.72
N ALA A 9 5.03 5.71 5.65
CA ALA A 9 3.64 5.59 6.21
C ALA A 9 2.60 5.58 5.09
N GLY A 10 2.80 6.39 4.07
CA GLY A 10 1.83 6.44 2.93
C GLY A 10 2.53 6.10 1.61
N GLY A 11 3.73 5.56 1.65
CA GLY A 11 4.46 5.21 0.40
C GLY A 11 4.44 3.69 0.20
N ALA A 12 4.88 2.94 1.16
CA ALA A 12 4.89 1.45 1.03
C ALA A 12 3.72 0.85 1.83
N VAL A 13 3.54 1.28 3.06
CA VAL A 13 2.42 0.75 3.91
C VAL A 13 1.05 1.01 3.26
N PHE A 14 0.84 2.18 2.70
CA PHE A 14 -0.48 2.48 2.04
C PHE A 14 -0.73 1.56 0.85
N VAL A 15 0.26 1.36 0.00
CA VAL A 15 0.10 0.47 -1.19
C VAL A 15 -0.26 -0.96 -0.75
N GLY A 16 0.37 -1.46 0.29
CA GLY A 16 0.06 -2.84 0.78
C GLY A 16 -1.36 -2.89 1.37
N LEU A 17 -1.79 -1.84 2.02
CA LEU A 17 -3.18 -1.81 2.61
C LEU A 17 -4.25 -1.74 1.50
N VAL A 18 -3.98 -1.01 0.43
CA VAL A 18 -4.98 -0.91 -0.69
C VAL A 18 -5.22 -2.30 -1.29
N LEU A 19 -4.17 -3.01 -1.63
CA LEU A 19 -4.34 -4.38 -2.22
C LEU A 19 -4.96 -5.32 -1.18
N LEU A 20 -4.69 -5.09 0.09
CA LEU A 20 -5.28 -5.95 1.18
C LEU A 20 -6.80 -5.81 1.16
N THR A 21 -7.28 -4.59 1.08
CA THR A 21 -8.77 -4.34 1.04
C THR A 21 -9.36 -4.87 -0.27
N LEU A 22 -8.57 -4.96 -1.33
CA LEU A 22 -9.06 -5.46 -2.64
C LEU A 22 -9.57 -6.91 -2.52
N SER A 23 -8.76 -7.82 -2.04
CA SER A 23 -9.20 -9.25 -1.90
C SER A 23 -8.59 -9.91 -0.66
N PRO A 24 -9.11 -9.55 0.50
CA PRO A 24 -8.61 -10.12 1.78
C PRO A 24 -9.25 -11.49 2.06
N HIS A 25 -8.88 -12.50 1.29
CA HIS A 25 -9.44 -13.89 1.47
C HIS A 25 -10.98 -13.86 1.49
N TYR A 26 -11.58 -12.94 0.76
CA TYR A 26 -13.07 -12.83 0.73
C TYR A 26 -13.52 -12.02 -0.51
N LYS A 27 -14.74 -12.21 -0.94
CA LYS A 27 -15.27 -11.47 -2.12
C LYS A 27 -16.61 -10.79 -1.76
N MET A 1 11.79 17.79 3.57
CA MET A 1 11.27 17.36 2.23
C MET A 1 10.84 15.89 2.28
N ASP A 2 9.57 15.64 2.11
CA ASP A 2 9.05 14.23 2.15
C ASP A 2 7.98 14.02 1.06
N ARG A 3 8.32 13.28 0.03
CA ARG A 3 7.35 13.01 -1.09
C ARG A 3 7.89 11.87 -2.00
N GLU A 4 7.00 11.09 -2.56
CA GLU A 4 7.38 9.95 -3.46
C GLU A 4 8.37 8.98 -2.77
N MET A 5 8.35 8.91 -1.46
CA MET A 5 9.26 8.01 -0.70
C MET A 5 8.81 7.95 0.77
N ALA A 6 8.81 9.07 1.46
CA ALA A 6 8.39 9.11 2.91
C ALA A 6 9.12 8.01 3.70
N ALA A 7 10.43 8.10 3.76
CA ALA A 7 11.28 7.11 4.48
C ALA A 7 11.14 5.69 3.88
N SER A 8 10.74 5.59 2.62
CA SER A 8 10.57 4.27 1.94
C SER A 8 9.70 3.33 2.80
N ALA A 9 8.69 3.85 3.44
CA ALA A 9 7.81 2.99 4.32
C ALA A 9 6.37 3.53 4.38
N GLY A 10 6.20 4.84 4.57
CA GLY A 10 4.81 5.42 4.65
C GLY A 10 3.99 5.06 3.41
N GLY A 11 4.44 5.47 2.24
CA GLY A 11 3.72 5.16 0.96
C GLY A 11 3.65 3.64 0.75
N ALA A 12 4.69 2.92 1.11
CA ALA A 12 4.71 1.43 0.94
C ALA A 12 3.58 0.79 1.75
N VAL A 13 3.45 1.15 3.02
CA VAL A 13 2.36 0.55 3.87
C VAL A 13 0.98 0.90 3.27
N PHE A 14 0.82 2.09 2.75
CA PHE A 14 -0.48 2.50 2.13
C PHE A 14 -0.79 1.62 0.90
N VAL A 15 0.19 1.41 0.05
CA VAL A 15 0.00 0.55 -1.16
C VAL A 15 -0.39 -0.88 -0.75
N GLY A 16 0.26 -1.42 0.26
CA GLY A 16 -0.04 -2.80 0.75
C GLY A 16 -1.49 -2.85 1.27
N LEU A 17 -1.92 -1.83 1.97
CA LEU A 17 -3.31 -1.79 2.51
C LEU A 17 -4.33 -1.77 1.36
N VAL A 18 -4.06 -1.01 0.32
CA VAL A 18 -5.00 -0.95 -0.85
C VAL A 18 -5.10 -2.35 -1.50
N LEU A 19 -4.01 -3.08 -1.52
CA LEU A 19 -4.03 -4.46 -2.12
C LEU A 19 -4.79 -5.40 -1.17
N LEU A 20 -4.57 -5.27 0.12
CA LEU A 20 -5.28 -6.14 1.11
C LEU A 20 -6.76 -5.75 1.20
N THR A 21 -7.07 -4.47 1.13
CA THR A 21 -8.51 -4.02 1.21
C THR A 21 -9.31 -4.53 0.00
N LEU A 22 -8.67 -4.82 -1.11
CA LEU A 22 -9.39 -5.33 -2.32
C LEU A 22 -9.80 -6.80 -2.13
N SER A 23 -9.08 -7.54 -1.33
CA SER A 23 -9.38 -9.00 -1.07
C SER A 23 -9.22 -9.83 -2.36
N PRO A 24 -7.98 -9.96 -2.80
CA PRO A 24 -7.68 -10.75 -4.02
C PRO A 24 -7.58 -12.25 -3.69
N HIS A 25 -8.57 -13.02 -4.06
CA HIS A 25 -8.55 -14.49 -3.77
C HIS A 25 -9.01 -15.31 -5.00
N TYR A 26 -10.14 -14.98 -5.58
CA TYR A 26 -10.67 -15.71 -6.77
C TYR A 26 -10.86 -17.21 -6.45
N LYS A 27 -11.89 -17.53 -5.70
CA LYS A 27 -12.15 -18.95 -5.33
C LYS A 27 -13.49 -19.43 -5.90
N MET A 1 21.57 10.99 0.25
CA MET A 1 21.10 10.02 -0.79
C MET A 1 20.39 8.84 -0.10
N ASP A 2 19.10 8.69 -0.34
CA ASP A 2 18.33 7.58 0.30
C ASP A 2 17.49 6.83 -0.75
N ARG A 3 16.60 7.51 -1.46
CA ARG A 3 15.71 6.88 -2.50
C ARG A 3 14.76 5.86 -1.86
N GLU A 4 15.22 4.66 -1.57
CA GLU A 4 14.32 3.64 -0.92
C GLU A 4 13.98 4.08 0.51
N MET A 5 14.95 4.58 1.24
CA MET A 5 14.70 5.05 2.64
C MET A 5 13.87 6.35 2.64
N ALA A 6 13.91 7.12 1.57
CA ALA A 6 13.12 8.39 1.50
C ALA A 6 11.72 8.18 0.88
N ALA A 7 11.51 7.09 0.17
CA ALA A 7 10.18 6.85 -0.45
C ALA A 7 9.45 5.65 0.21
N SER A 8 10.14 4.55 0.46
CA SER A 8 9.48 3.38 1.10
C SER A 8 9.30 3.61 2.61
N ALA A 9 8.24 4.30 2.98
CA ALA A 9 7.97 4.58 4.42
C ALA A 9 6.46 4.64 4.67
N GLY A 10 5.76 5.60 4.09
CA GLY A 10 4.28 5.70 4.30
C GLY A 10 3.53 5.26 3.04
N GLY A 11 3.93 5.75 1.88
CA GLY A 11 3.26 5.37 0.59
C GLY A 11 3.29 3.85 0.39
N ALA A 12 4.43 3.23 0.57
CA ALA A 12 4.54 1.74 0.40
C ALA A 12 3.58 1.02 1.36
N VAL A 13 3.53 1.45 2.61
CA VAL A 13 2.61 0.80 3.60
C VAL A 13 1.17 0.96 3.12
N PHE A 14 0.83 2.12 2.57
CA PHE A 14 -0.56 2.36 2.07
C PHE A 14 -0.87 1.41 0.89
N VAL A 15 0.08 1.22 0.00
CA VAL A 15 -0.12 0.31 -1.18
C VAL A 15 -0.43 -1.11 -0.65
N GLY A 16 0.24 -1.54 0.39
CA GLY A 16 -0.01 -2.90 0.97
C GLY A 16 -1.44 -2.95 1.52
N LEU A 17 -1.87 -1.89 2.20
CA LEU A 17 -3.26 -1.86 2.76
C LEU A 17 -4.27 -1.75 1.62
N VAL A 18 -4.00 -0.94 0.62
CA VAL A 18 -4.93 -0.79 -0.55
C VAL A 18 -5.09 -2.16 -1.22
N LEU A 19 -3.99 -2.86 -1.43
CA LEU A 19 -4.04 -4.22 -2.07
C LEU A 19 -4.80 -5.18 -1.14
N LEU A 20 -4.59 -5.07 0.16
CA LEU A 20 -5.29 -5.97 1.13
C LEU A 20 -6.82 -5.78 1.02
N THR A 21 -7.27 -4.54 0.90
CA THR A 21 -8.74 -4.28 0.77
C THR A 21 -9.27 -4.88 -0.54
N LEU A 22 -8.47 -4.83 -1.59
CA LEU A 22 -8.90 -5.41 -2.91
C LEU A 22 -8.94 -6.94 -2.83
N SER A 23 -7.89 -7.54 -2.32
CA SER A 23 -7.86 -9.03 -2.20
C SER A 23 -7.40 -9.42 -0.78
N PRO A 24 -8.37 -9.55 0.11
CA PRO A 24 -8.06 -9.93 1.52
C PRO A 24 -7.58 -11.39 1.61
N HIS A 25 -6.65 -11.65 2.50
CA HIS A 25 -6.11 -13.03 2.66
C HIS A 25 -6.52 -13.60 4.04
N TYR A 26 -7.79 -13.57 4.33
CA TYR A 26 -8.29 -14.09 5.65
C TYR A 26 -8.96 -15.46 5.45
N LYS A 27 -9.23 -16.16 6.53
CA LYS A 27 -9.88 -17.50 6.43
C LYS A 27 -10.84 -17.71 7.60
N MET A 1 19.49 -5.37 5.10
CA MET A 1 18.18 -4.70 4.78
C MET A 1 18.32 -3.18 4.95
N ASP A 2 17.31 -2.44 4.56
CA ASP A 2 17.34 -0.95 4.67
C ASP A 2 16.48 -0.49 5.86
N ARG A 3 16.20 0.79 5.96
CA ARG A 3 15.36 1.29 7.10
C ARG A 3 14.81 2.71 6.79
N GLU A 4 13.51 2.89 6.98
CA GLU A 4 12.84 4.22 6.71
C GLU A 4 13.15 4.74 5.30
N MET A 5 13.01 3.89 4.33
CA MET A 5 13.28 4.27 2.89
C MET A 5 12.83 3.15 1.93
N ALA A 6 12.98 1.91 2.32
CA ALA A 6 12.58 0.75 1.45
C ALA A 6 11.05 0.71 1.26
N ALA A 7 10.30 0.56 2.34
CA ALA A 7 8.80 0.51 2.22
C ALA A 7 8.08 0.81 3.56
N SER A 8 8.66 1.63 4.41
CA SER A 8 7.99 1.94 5.71
C SER A 8 7.88 3.46 5.93
N ALA A 9 7.66 4.21 4.87
CA ALA A 9 7.53 5.70 5.02
C ALA A 9 6.05 6.11 5.05
N GLY A 10 5.13 5.17 5.12
CA GLY A 10 3.68 5.51 5.15
C GLY A 10 3.09 5.35 3.75
N GLY A 11 3.83 5.71 2.72
CA GLY A 11 3.33 5.57 1.32
C GLY A 11 3.36 4.09 0.93
N ALA A 12 4.48 3.43 1.14
CA ALA A 12 4.57 1.97 0.80
C ALA A 12 3.58 1.17 1.65
N VAL A 13 3.46 1.49 2.92
CA VAL A 13 2.49 0.76 3.81
C VAL A 13 1.07 0.93 3.27
N PHE A 14 0.74 2.12 2.80
CA PHE A 14 -0.63 2.37 2.23
C PHE A 14 -0.85 1.52 0.97
N VAL A 15 0.16 1.40 0.13
CA VAL A 15 0.03 0.57 -1.13
C VAL A 15 -0.31 -0.88 -0.74
N GLY A 16 0.36 -1.43 0.25
CA GLY A 16 0.08 -2.82 0.69
C GLY A 16 -1.35 -2.91 1.24
N LEU A 17 -1.79 -1.89 1.94
CA LEU A 17 -3.18 -1.90 2.51
C LEU A 17 -4.23 -1.84 1.38
N VAL A 18 -3.98 -1.08 0.34
CA VAL A 18 -4.95 -1.00 -0.80
C VAL A 18 -5.11 -2.40 -1.42
N LEU A 19 -4.02 -3.14 -1.55
CA LEU A 19 -4.08 -4.52 -2.11
C LEU A 19 -4.87 -5.44 -1.17
N LEU A 20 -4.69 -5.28 0.13
CA LEU A 20 -5.42 -6.12 1.13
C LEU A 20 -6.90 -5.71 1.18
N THR A 21 -7.19 -4.43 1.10
CA THR A 21 -8.62 -3.96 1.13
C THR A 21 -9.39 -4.45 -0.11
N LEU A 22 -8.69 -4.72 -1.19
CA LEU A 22 -9.37 -5.22 -2.44
C LEU A 22 -10.03 -6.59 -2.20
N SER A 23 -9.26 -7.57 -1.78
CA SER A 23 -9.78 -8.95 -1.50
C SER A 23 -10.25 -9.67 -2.78
N PRO A 24 -10.14 -10.98 -2.76
CA PRO A 24 -10.56 -11.82 -3.93
C PRO A 24 -12.09 -11.85 -4.03
N HIS A 25 -12.60 -12.14 -5.21
CA HIS A 25 -14.09 -12.20 -5.44
C HIS A 25 -14.79 -10.90 -5.01
N TYR A 26 -14.28 -9.78 -5.47
CA TYR A 26 -14.88 -8.45 -5.09
C TYR A 26 -15.70 -7.84 -6.26
N LYS A 27 -15.49 -8.28 -7.48
CA LYS A 27 -16.25 -7.73 -8.64
C LYS A 27 -16.42 -8.79 -9.74
N MET A 1 19.48 -9.06 -0.43
CA MET A 1 18.74 -7.90 0.16
C MET A 1 18.02 -7.13 -0.95
N ASP A 2 16.71 -7.08 -0.92
CA ASP A 2 15.93 -6.36 -1.97
C ASP A 2 14.85 -5.46 -1.32
N ARG A 3 14.39 -4.47 -2.03
CA ARG A 3 13.34 -3.55 -1.48
C ARG A 3 11.97 -4.24 -1.46
N GLU A 4 11.56 -4.79 -2.59
CA GLU A 4 10.23 -5.50 -2.71
C GLU A 4 9.06 -4.68 -2.16
N MET A 5 9.08 -3.37 -2.35
CA MET A 5 7.98 -2.46 -1.86
C MET A 5 7.69 -2.68 -0.36
N ALA A 6 8.71 -2.68 0.46
CA ALA A 6 8.52 -2.87 1.94
C ALA A 6 8.30 -1.52 2.64
N ALA A 7 9.04 -0.50 2.27
CA ALA A 7 8.88 0.84 2.91
C ALA A 7 8.42 1.89 1.89
N SER A 8 9.21 2.10 0.84
CA SER A 8 8.86 3.11 -0.22
C SER A 8 8.51 4.48 0.40
N ALA A 9 9.26 4.90 1.40
CA ALA A 9 9.02 6.21 2.09
C ALA A 9 7.56 6.37 2.54
N GLY A 10 7.09 5.45 3.35
CA GLY A 10 5.67 5.52 3.85
C GLY A 10 4.67 5.22 2.71
N GLY A 11 5.12 4.67 1.61
CA GLY A 11 4.20 4.35 0.48
C GLY A 11 3.89 2.84 0.44
N ALA A 12 4.82 2.02 0.89
CA ALA A 12 4.57 0.54 0.88
C ALA A 12 3.43 0.18 1.83
N VAL A 13 3.36 0.82 2.98
CA VAL A 13 2.26 0.53 3.96
C VAL A 13 0.91 0.91 3.33
N PHE A 14 0.83 2.07 2.73
CA PHE A 14 -0.46 2.51 2.07
C PHE A 14 -0.77 1.59 0.88
N VAL A 15 0.20 1.38 0.00
CA VAL A 15 -0.01 0.50 -1.19
C VAL A 15 -0.41 -0.91 -0.72
N GLY A 16 0.21 -1.40 0.33
CA GLY A 16 -0.11 -2.77 0.86
C GLY A 16 -1.58 -2.80 1.31
N LEU A 17 -2.03 -1.78 2.00
CA LEU A 17 -3.45 -1.73 2.48
C LEU A 17 -4.40 -1.72 1.27
N VAL A 18 -4.11 -0.95 0.25
CA VAL A 18 -4.99 -0.90 -0.96
C VAL A 18 -5.08 -2.31 -1.58
N LEU A 19 -3.99 -3.03 -1.62
CA LEU A 19 -3.97 -4.41 -2.20
C LEU A 19 -4.68 -5.40 -1.26
N LEU A 20 -4.50 -5.23 0.04
CA LEU A 20 -5.15 -6.16 1.04
C LEU A 20 -6.64 -5.80 1.24
N THR A 21 -6.98 -4.53 1.24
CA THR A 21 -8.40 -4.10 1.45
C THR A 21 -9.27 -4.37 0.21
N LEU A 22 -8.71 -4.84 -0.90
CA LEU A 22 -9.54 -5.11 -2.13
C LEU A 22 -10.71 -6.08 -1.85
N SER A 23 -10.67 -6.84 -0.77
CA SER A 23 -11.77 -7.80 -0.45
C SER A 23 -13.10 -7.06 -0.28
N PRO A 24 -14.13 -7.53 -0.96
CA PRO A 24 -15.47 -6.90 -0.88
C PRO A 24 -16.08 -7.13 0.52
N HIS A 25 -17.01 -6.30 0.91
CA HIS A 25 -17.66 -6.45 2.26
C HIS A 25 -19.07 -7.04 2.09
N TYR A 26 -19.17 -8.14 1.38
CA TYR A 26 -20.50 -8.80 1.17
C TYR A 26 -20.73 -9.88 2.24
N LYS A 27 -21.95 -10.39 2.33
CA LYS A 27 -22.26 -11.44 3.34
C LYS A 27 -22.80 -12.70 2.63
N MET A 1 -4.62 7.87 -15.92
CA MET A 1 -4.41 6.94 -14.76
C MET A 1 -2.97 6.41 -14.78
N ASP A 2 -2.14 6.90 -13.90
CA ASP A 2 -0.71 6.44 -13.85
C ASP A 2 -0.11 6.64 -12.45
N ARG A 3 -0.32 7.79 -11.83
CA ARG A 3 0.22 8.10 -10.47
C ARG A 3 1.76 8.03 -10.46
N GLU A 4 2.39 8.97 -11.12
CA GLU A 4 3.90 9.02 -11.17
C GLU A 4 4.49 9.14 -9.76
N MET A 5 3.81 9.85 -8.88
CA MET A 5 4.30 10.01 -7.47
C MET A 5 3.25 9.47 -6.49
N ALA A 6 2.13 10.16 -6.35
CA ALA A 6 1.02 9.72 -5.43
C ALA A 6 1.59 9.18 -4.09
N ALA A 7 2.43 9.95 -3.45
CA ALA A 7 3.07 9.53 -2.14
C ALA A 7 3.95 8.30 -2.37
N SER A 8 5.24 8.49 -2.46
CA SER A 8 6.17 7.34 -2.68
C SER A 8 6.74 6.88 -1.34
N ALA A 9 7.30 7.79 -0.56
CA ALA A 9 7.87 7.42 0.77
C ALA A 9 6.77 6.83 1.65
N GLY A 10 5.64 7.51 1.74
CA GLY A 10 4.50 7.00 2.57
C GLY A 10 3.47 6.33 1.64
N GLY A 11 3.91 5.73 0.55
CA GLY A 11 2.97 5.06 -0.40
C GLY A 11 3.08 3.54 -0.25
N ALA A 12 4.28 3.00 -0.17
CA ALA A 12 4.46 1.52 -0.03
C ALA A 12 3.61 0.96 1.13
N VAL A 13 3.67 1.59 2.29
CA VAL A 13 2.86 1.10 3.47
C VAL A 13 1.37 1.17 3.12
N PHE A 14 0.94 2.26 2.51
CA PHE A 14 -0.50 2.41 2.13
C PHE A 14 -0.86 1.44 1.00
N VAL A 15 0.03 1.26 0.04
CA VAL A 15 -0.23 0.32 -1.11
C VAL A 15 -0.50 -1.10 -0.57
N GLY A 16 0.24 -1.53 0.43
CA GLY A 16 0.02 -2.90 0.99
C GLY A 16 -1.40 -2.98 1.56
N LEU A 17 -1.81 -1.97 2.29
CA LEU A 17 -3.20 -1.96 2.88
C LEU A 17 -4.23 -1.86 1.75
N VAL A 18 -3.98 -1.02 0.76
CA VAL A 18 -4.93 -0.87 -0.39
C VAL A 18 -5.08 -2.23 -1.10
N LEU A 19 -3.98 -2.94 -1.29
CA LEU A 19 -4.04 -4.28 -1.97
C LEU A 19 -4.87 -5.25 -1.12
N LEU A 20 -4.72 -5.21 0.19
CA LEU A 20 -5.49 -6.12 1.09
C LEU A 20 -7.01 -5.87 0.91
N THR A 21 -7.40 -4.62 0.71
CA THR A 21 -8.84 -4.30 0.52
C THR A 21 -9.25 -4.58 -0.93
N LEU A 22 -8.45 -4.15 -1.88
CA LEU A 22 -8.77 -4.38 -3.33
C LEU A 22 -8.84 -5.89 -3.63
N SER A 23 -7.92 -6.66 -3.10
CA SER A 23 -7.94 -8.14 -3.33
C SER A 23 -8.25 -8.88 -2.02
N PRO A 24 -9.53 -9.10 -1.77
CA PRO A 24 -9.95 -9.82 -0.54
C PRO A 24 -9.64 -11.32 -0.66
N HIS A 25 -8.46 -11.72 -0.24
CA HIS A 25 -8.06 -13.16 -0.32
C HIS A 25 -7.55 -13.68 1.04
N TYR A 26 -8.08 -13.15 2.13
CA TYR A 26 -7.62 -13.61 3.48
C TYR A 26 -8.69 -14.51 4.11
N LYS A 27 -8.63 -15.79 3.82
CA LYS A 27 -9.63 -16.76 4.38
C LYS A 27 -9.11 -18.20 4.27
N MET A 1 1.58 9.73 7.81
CA MET A 1 2.81 10.01 8.61
C MET A 1 2.87 9.08 9.83
N ASP A 2 3.83 8.18 9.86
CA ASP A 2 3.94 7.22 11.00
C ASP A 2 5.40 7.15 11.50
N ARG A 3 5.63 7.52 12.73
CA ARG A 3 7.02 7.48 13.30
C ARG A 3 7.45 6.05 13.67
N GLU A 4 6.52 5.21 14.07
CA GLU A 4 6.86 3.79 14.45
C GLU A 4 7.58 3.09 13.28
N MET A 5 7.10 3.27 12.07
CA MET A 5 7.77 2.62 10.90
C MET A 5 8.86 3.55 10.36
N ALA A 6 8.48 4.62 9.68
CA ALA A 6 9.47 5.61 9.11
C ALA A 6 10.48 4.93 8.15
N ALA A 7 10.19 3.75 7.65
CA ALA A 7 11.14 3.06 6.72
C ALA A 7 10.45 2.58 5.43
N SER A 8 9.17 2.86 5.24
CA SER A 8 8.46 2.42 4.00
C SER A 8 8.22 3.61 3.06
N ALA A 9 9.13 4.58 3.04
CA ALA A 9 9.00 5.79 2.16
C ALA A 9 7.67 6.53 2.35
N GLY A 10 6.99 6.35 3.47
CA GLY A 10 5.68 7.04 3.72
C GLY A 10 4.72 6.83 2.55
N GLY A 11 4.64 5.62 2.03
CA GLY A 11 3.73 5.34 0.87
C GLY A 11 3.55 3.82 0.68
N ALA A 12 4.65 3.09 0.64
CA ALA A 12 4.57 1.59 0.45
C ALA A 12 3.57 0.96 1.42
N VAL A 13 3.59 1.35 2.67
CA VAL A 13 2.64 0.79 3.69
C VAL A 13 1.18 1.00 3.22
N PHE A 14 0.87 2.16 2.68
CA PHE A 14 -0.51 2.44 2.19
C PHE A 14 -0.82 1.56 0.97
N VAL A 15 0.13 1.40 0.07
CA VAL A 15 -0.09 0.55 -1.15
C VAL A 15 -0.41 -0.89 -0.72
N GLY A 16 0.27 -1.40 0.27
CA GLY A 16 0.03 -2.79 0.76
C GLY A 16 -1.38 -2.88 1.36
N LEU A 17 -1.83 -1.84 2.05
CA LEU A 17 -3.20 -1.85 2.66
C LEU A 17 -4.27 -1.85 1.56
N VAL A 18 -4.07 -1.08 0.51
CA VAL A 18 -5.08 -1.03 -0.60
C VAL A 18 -5.17 -2.43 -1.24
N LEU A 19 -4.05 -3.10 -1.39
CA LEU A 19 -4.04 -4.48 -1.98
C LEU A 19 -4.83 -5.43 -1.07
N LEU A 20 -4.67 -5.28 0.23
CA LEU A 20 -5.41 -6.16 1.20
C LEU A 20 -6.92 -5.84 1.16
N THR A 21 -7.27 -4.60 0.87
CA THR A 21 -8.71 -4.20 0.80
C THR A 21 -9.18 -4.18 -0.66
N LEU A 22 -8.74 -5.13 -1.46
CA LEU A 22 -9.15 -5.18 -2.90
C LEU A 22 -9.90 -6.49 -3.19
N SER A 23 -9.19 -7.59 -3.37
CA SER A 23 -9.87 -8.90 -3.66
C SER A 23 -8.88 -10.07 -3.52
N PRO A 24 -9.34 -11.16 -2.94
CA PRO A 24 -8.47 -12.36 -2.75
C PRO A 24 -8.32 -13.11 -4.08
N HIS A 25 -7.32 -12.76 -4.86
CA HIS A 25 -7.08 -13.43 -6.17
C HIS A 25 -6.73 -14.92 -5.97
N TYR A 26 -5.88 -15.22 -5.03
CA TYR A 26 -5.48 -16.64 -4.77
C TYR A 26 -5.15 -16.86 -3.28
N LYS A 27 -5.19 -18.09 -2.83
CA LYS A 27 -4.88 -18.40 -1.41
C LYS A 27 -3.55 -19.17 -1.31
N MET A 1 22.52 11.84 -2.11
CA MET A 1 21.25 11.33 -1.50
C MET A 1 21.02 9.86 -1.92
N ASP A 2 20.43 9.07 -1.05
CA ASP A 2 20.18 7.64 -1.38
C ASP A 2 18.83 7.47 -2.08
N ARG A 3 18.52 6.27 -2.51
CA ARG A 3 17.23 5.98 -3.21
C ARG A 3 16.70 4.61 -2.77
N GLU A 4 15.71 4.08 -3.45
CA GLU A 4 15.11 2.73 -3.12
C GLU A 4 14.56 2.66 -1.67
N MET A 5 14.30 3.77 -1.03
CA MET A 5 13.77 3.76 0.37
C MET A 5 12.53 4.66 0.50
N ALA A 6 12.54 5.81 -0.15
CA ALA A 6 11.37 6.76 -0.08
C ALA A 6 10.03 6.06 -0.38
N ALA A 7 10.00 5.11 -1.30
CA ALA A 7 8.72 4.40 -1.62
C ALA A 7 8.52 3.18 -0.71
N SER A 8 9.54 2.38 -0.51
CA SER A 8 9.40 1.17 0.38
C SER A 8 9.15 1.58 1.84
N ALA A 9 9.72 2.67 2.30
CA ALA A 9 9.48 3.10 3.72
C ALA A 9 8.32 4.10 3.78
N GLY A 10 7.11 3.63 3.54
CA GLY A 10 5.91 4.51 3.57
C GLY A 10 4.94 4.13 2.45
N GLY A 11 5.35 4.31 1.20
CA GLY A 11 4.49 3.98 0.03
C GLY A 11 4.03 2.51 0.09
N ALA A 12 4.93 1.60 0.40
CA ALA A 12 4.58 0.14 0.49
C ALA A 12 3.49 -0.09 1.55
N VAL A 13 3.53 0.64 2.65
CA VAL A 13 2.50 0.48 3.73
C VAL A 13 1.13 0.93 3.19
N PHE A 14 1.07 2.07 2.53
CA PHE A 14 -0.22 2.57 1.96
C PHE A 14 -0.69 1.64 0.84
N VAL A 15 0.18 1.31 -0.09
CA VAL A 15 -0.19 0.41 -1.22
C VAL A 15 -0.56 -0.98 -0.67
N GLY A 16 0.15 -1.44 0.35
CA GLY A 16 -0.14 -2.76 0.96
C GLY A 16 -1.56 -2.78 1.53
N LEU A 17 -1.98 -1.68 2.15
CA LEU A 17 -3.36 -1.59 2.73
C LEU A 17 -4.40 -1.60 1.61
N VAL A 18 -4.18 -0.82 0.57
CA VAL A 18 -5.15 -0.78 -0.59
C VAL A 18 -5.19 -2.19 -1.23
N LEU A 19 -4.04 -2.81 -1.36
CA LEU A 19 -3.96 -4.19 -1.95
C LEU A 19 -4.68 -5.18 -1.02
N LEU A 20 -4.51 -5.03 0.28
CA LEU A 20 -5.17 -5.94 1.27
C LEU A 20 -6.70 -5.87 1.11
N THR A 21 -7.23 -4.71 0.84
CA THR A 21 -8.71 -4.56 0.66
C THR A 21 -9.14 -5.19 -0.68
N LEU A 22 -8.29 -5.11 -1.68
CA LEU A 22 -8.65 -5.70 -3.02
C LEU A 22 -8.61 -7.24 -2.93
N SER A 23 -7.45 -7.81 -2.65
CA SER A 23 -7.29 -9.30 -2.53
C SER A 23 -7.78 -10.03 -3.80
N PRO A 24 -6.87 -10.28 -4.72
CA PRO A 24 -7.22 -10.98 -5.98
C PRO A 24 -7.46 -12.49 -5.73
N HIS A 25 -8.64 -12.84 -5.29
CA HIS A 25 -8.97 -14.28 -5.02
C HIS A 25 -9.90 -14.80 -6.11
N TYR A 26 -10.98 -14.09 -6.38
CA TYR A 26 -11.94 -14.51 -7.44
C TYR A 26 -11.55 -13.86 -8.77
N LYS A 27 -11.24 -12.58 -8.74
CA LYS A 27 -10.84 -11.85 -9.98
C LYS A 27 -9.36 -11.45 -9.93
N MET A 1 14.43 -3.23 7.07
CA MET A 1 15.22 -3.55 8.30
C MET A 1 16.20 -2.42 8.61
N ASP A 2 15.91 -1.62 9.63
CA ASP A 2 16.78 -0.46 10.03
C ASP A 2 16.84 0.61 8.93
N ARG A 3 17.58 0.39 7.87
CA ARG A 3 17.67 1.39 6.76
C ARG A 3 16.50 1.18 5.78
N GLU A 4 15.30 1.44 6.25
CA GLU A 4 14.08 1.25 5.40
C GLU A 4 12.94 2.11 5.97
N MET A 5 12.56 1.88 7.21
CA MET A 5 11.45 2.67 7.86
C MET A 5 11.64 4.19 7.72
N ALA A 6 12.87 4.65 7.64
CA ALA A 6 13.14 6.12 7.50
C ALA A 6 12.57 6.66 6.18
N ALA A 7 12.85 6.00 5.08
CA ALA A 7 12.34 6.47 3.74
C ALA A 7 11.40 5.42 3.13
N SER A 8 11.86 4.20 2.98
CA SER A 8 10.99 3.12 2.40
C SER A 8 9.97 2.63 3.44
N ALA A 9 9.24 1.57 3.13
CA ALA A 9 8.20 0.99 4.05
C ALA A 9 6.92 1.84 4.09
N GLY A 10 7.03 3.13 4.36
CA GLY A 10 5.82 4.03 4.42
C GLY A 10 4.95 3.84 3.16
N GLY A 11 5.53 3.98 1.99
CA GLY A 11 4.75 3.81 0.72
C GLY A 11 4.19 2.38 0.65
N ALA A 12 4.99 1.39 1.03
CA ALA A 12 4.54 -0.03 1.00
C ALA A 12 3.33 -0.24 1.94
N VAL A 13 3.26 0.48 3.03
CA VAL A 13 2.11 0.32 3.98
C VAL A 13 0.83 0.85 3.32
N PHE A 14 0.89 2.00 2.69
CA PHE A 14 -0.32 2.55 2.01
C PHE A 14 -0.68 1.71 0.78
N VAL A 15 0.30 1.40 -0.05
CA VAL A 15 0.04 0.57 -1.27
C VAL A 15 -0.41 -0.83 -0.82
N GLY A 16 0.25 -1.41 0.16
CA GLY A 16 -0.11 -2.76 0.66
C GLY A 16 -1.53 -2.73 1.26
N LEU A 17 -1.88 -1.65 1.95
CA LEU A 17 -3.24 -1.53 2.55
C LEU A 17 -4.30 -1.54 1.44
N VAL A 18 -4.07 -0.84 0.36
CA VAL A 18 -5.06 -0.83 -0.78
C VAL A 18 -5.18 -2.25 -1.36
N LEU A 19 -4.06 -2.94 -1.47
CA LEU A 19 -4.07 -4.34 -2.02
C LEU A 19 -4.77 -5.28 -1.03
N LEU A 20 -4.49 -5.12 0.25
CA LEU A 20 -5.13 -5.99 1.30
C LEU A 20 -6.65 -5.81 1.30
N THR A 21 -7.12 -4.60 1.05
CA THR A 21 -8.61 -4.37 1.03
C THR A 21 -9.23 -5.08 -0.20
N LEU A 22 -8.49 -5.20 -1.28
CA LEU A 22 -9.02 -5.88 -2.50
C LEU A 22 -9.19 -7.38 -2.25
N SER A 23 -8.13 -8.04 -1.84
CA SER A 23 -8.17 -9.53 -1.55
C SER A 23 -8.55 -10.33 -2.82
N PRO A 24 -7.53 -10.89 -3.46
CA PRO A 24 -7.77 -11.71 -4.68
C PRO A 24 -8.19 -13.14 -4.31
N HIS A 25 -9.31 -13.27 -3.60
CA HIS A 25 -9.82 -14.61 -3.17
C HIS A 25 -8.76 -15.36 -2.34
N TYR A 26 -8.06 -14.65 -1.48
CA TYR A 26 -7.00 -15.29 -0.63
C TYR A 26 -7.33 -15.06 0.85
N LYS A 27 -8.02 -16.01 1.45
CA LYS A 27 -8.39 -15.88 2.90
C LYS A 27 -8.47 -17.27 3.55
N MET A 1 13.92 16.05 4.17
CA MET A 1 15.00 15.16 3.63
C MET A 1 15.23 14.00 4.60
N ASP A 2 14.38 12.99 4.54
CA ASP A 2 14.50 11.81 5.44
C ASP A 2 13.84 10.59 4.79
N ARG A 3 14.43 9.43 4.95
CA ARG A 3 13.85 8.19 4.34
C ARG A 3 13.45 7.18 5.42
N GLU A 4 12.85 6.07 5.01
CA GLU A 4 12.40 4.99 5.96
C GLU A 4 11.37 5.51 6.98
N MET A 5 10.72 6.61 6.69
CA MET A 5 9.69 7.18 7.62
C MET A 5 8.50 7.68 6.78
N ALA A 6 8.73 8.67 5.95
CA ALA A 6 7.64 9.22 5.08
C ALA A 6 7.23 8.16 4.07
N ALA A 7 8.18 7.47 3.47
CA ALA A 7 7.85 6.40 2.47
C ALA A 7 7.59 5.07 3.18
N SER A 8 8.09 4.88 4.38
CA SER A 8 7.85 3.60 5.12
C SER A 8 6.39 3.52 5.60
N ALA A 9 5.93 4.57 6.24
CA ALA A 9 4.51 4.59 6.73
C ALA A 9 3.57 5.07 5.63
N GLY A 10 3.87 6.19 5.00
CA GLY A 10 2.99 6.71 3.91
C GLY A 10 3.52 6.29 2.54
N GLY A 11 3.79 5.01 2.35
CA GLY A 11 4.31 4.53 1.04
C GLY A 11 4.05 3.02 0.88
N ALA A 12 4.95 2.19 1.36
CA ALA A 12 4.76 0.70 1.24
C ALA A 12 3.50 0.22 1.98
N VAL A 13 3.30 0.67 3.20
CA VAL A 13 2.09 0.25 3.97
C VAL A 13 0.82 0.76 3.26
N PHE A 14 0.85 1.98 2.75
CA PHE A 14 -0.34 2.54 2.03
C PHE A 14 -0.65 1.68 0.80
N VAL A 15 0.33 1.41 -0.04
CA VAL A 15 0.08 0.57 -1.25
C VAL A 15 -0.36 -0.84 -0.82
N GLY A 16 0.30 -1.39 0.19
CA GLY A 16 -0.07 -2.75 0.69
C GLY A 16 -1.51 -2.75 1.23
N LEU A 17 -1.90 -1.69 1.92
CA LEU A 17 -3.29 -1.60 2.48
C LEU A 17 -4.31 -1.59 1.34
N VAL A 18 -4.06 -0.85 0.28
CA VAL A 18 -5.01 -0.80 -0.88
C VAL A 18 -5.17 -2.22 -1.44
N LEU A 19 -4.09 -2.95 -1.56
CA LEU A 19 -4.16 -4.35 -2.08
C LEU A 19 -4.83 -5.25 -1.04
N LEU A 20 -4.48 -5.08 0.23
CA LEU A 20 -5.09 -5.91 1.32
C LEU A 20 -6.62 -5.73 1.37
N THR A 21 -7.12 -4.56 1.05
CA THR A 21 -8.61 -4.34 1.07
C THR A 21 -9.30 -5.25 0.04
N LEU A 22 -8.70 -5.45 -1.11
CA LEU A 22 -9.31 -6.32 -2.16
C LEU A 22 -8.37 -7.51 -2.45
N SER A 23 -7.91 -8.20 -1.43
CA SER A 23 -6.99 -9.36 -1.63
C SER A 23 -7.73 -10.69 -1.40
N PRO A 24 -7.80 -11.52 -2.43
CA PRO A 24 -8.49 -12.83 -2.32
C PRO A 24 -7.56 -13.85 -1.63
N HIS A 25 -7.66 -13.98 -0.33
CA HIS A 25 -6.78 -14.94 0.41
C HIS A 25 -7.60 -16.11 1.01
N TYR A 26 -8.74 -16.43 0.44
CA TYR A 26 -9.57 -17.56 0.98
C TYR A 26 -9.32 -18.82 0.15
N LYS A 27 -8.22 -19.49 0.40
CA LYS A 27 -7.85 -20.74 -0.35
C LYS A 27 -7.76 -20.47 -1.87
N MET A 1 -1.47 1.87 -6.94
CA MET A 1 -0.77 3.19 -6.81
C MET A 1 0.51 3.19 -7.66
N ASP A 2 0.71 4.24 -8.42
CA ASP A 2 1.94 4.33 -9.28
C ASP A 2 3.17 4.64 -8.43
N ARG A 3 4.35 4.52 -9.02
CA ARG A 3 5.61 4.81 -8.25
C ARG A 3 6.00 6.29 -8.40
N GLU A 4 6.79 6.66 -9.40
CA GLU A 4 7.22 8.08 -9.61
C GLU A 4 7.75 8.73 -8.31
N MET A 5 8.37 7.96 -7.44
CA MET A 5 8.92 8.50 -6.15
C MET A 5 7.82 9.18 -5.32
N ALA A 6 6.58 8.75 -5.45
CA ALA A 6 5.46 9.35 -4.68
C ALA A 6 5.18 8.52 -3.41
N ALA A 7 4.89 7.26 -3.58
CA ALA A 7 4.61 6.38 -2.39
C ALA A 7 5.85 5.51 -2.10
N SER A 8 6.75 6.02 -1.32
CA SER A 8 8.00 5.26 -0.98
C SER A 8 8.12 5.12 0.55
N ALA A 9 8.24 3.89 1.04
CA ALA A 9 8.36 3.61 2.51
C ALA A 9 7.06 3.99 3.24
N GLY A 10 6.79 5.28 3.41
CA GLY A 10 5.53 5.71 4.09
C GLY A 10 4.36 5.40 3.16
N GLY A 11 4.45 5.82 1.92
CA GLY A 11 3.38 5.56 0.93
C GLY A 11 3.31 4.05 0.65
N ALA A 12 4.43 3.37 0.64
CA ALA A 12 4.44 1.88 0.38
C ALA A 12 3.56 1.16 1.41
N VAL A 13 3.56 1.60 2.65
CA VAL A 13 2.71 0.95 3.70
C VAL A 13 1.23 1.04 3.28
N PHE A 14 0.83 2.15 2.70
CA PHE A 14 -0.59 2.30 2.24
C PHE A 14 -0.84 1.49 0.97
N VAL A 15 0.16 1.33 0.12
CA VAL A 15 -0.02 0.52 -1.14
C VAL A 15 -0.38 -0.92 -0.76
N GLY A 16 0.30 -1.49 0.21
CA GLY A 16 -0.01 -2.88 0.66
C GLY A 16 -1.40 -2.90 1.29
N LEU A 17 -1.75 -1.88 2.04
CA LEU A 17 -3.11 -1.81 2.69
C LEU A 17 -4.19 -1.84 1.61
N VAL A 18 -4.03 -1.06 0.56
CA VAL A 18 -5.05 -1.05 -0.56
C VAL A 18 -5.08 -2.45 -1.21
N LEU A 19 -3.93 -3.07 -1.36
CA LEU A 19 -3.87 -4.44 -1.97
C LEU A 19 -4.66 -5.43 -1.11
N LEU A 20 -4.77 -5.17 0.18
CA LEU A 20 -5.53 -6.07 1.10
C LEU A 20 -7.03 -5.77 1.03
N THR A 21 -7.41 -4.52 0.92
CA THR A 21 -8.87 -4.14 0.84
C THR A 21 -9.48 -4.52 -0.52
N LEU A 22 -8.68 -4.79 -1.52
CA LEU A 22 -9.22 -5.15 -2.88
C LEU A 22 -10.11 -6.40 -2.78
N SER A 23 -9.58 -7.48 -2.26
CA SER A 23 -10.35 -8.77 -2.12
C SER A 23 -10.76 -9.31 -3.50
N PRO A 24 -9.91 -10.14 -4.07
CA PRO A 24 -10.21 -10.73 -5.42
C PRO A 24 -11.36 -11.74 -5.35
N HIS A 25 -11.53 -12.39 -4.23
CA HIS A 25 -12.62 -13.38 -4.06
C HIS A 25 -13.42 -13.08 -2.78
N TYR A 26 -12.80 -13.22 -1.63
CA TYR A 26 -13.50 -12.93 -0.34
C TYR A 26 -12.48 -12.62 0.77
N LYS A 27 -12.80 -11.69 1.63
CA LYS A 27 -11.87 -11.33 2.75
C LYS A 27 -12.67 -10.82 3.95
N MET A 1 3.33 21.02 5.45
CA MET A 1 4.68 20.38 5.33
C MET A 1 4.89 19.45 6.53
N ASP A 2 4.86 18.15 6.31
CA ASP A 2 5.05 17.17 7.42
C ASP A 2 6.24 16.26 7.13
N ARG A 3 6.89 15.76 8.15
CA ARG A 3 8.07 14.86 7.95
C ARG A 3 8.29 13.98 9.18
N GLU A 4 9.36 13.21 9.20
CA GLU A 4 9.69 12.29 10.35
C GLU A 4 8.57 11.27 10.61
N MET A 5 7.76 10.98 9.61
CA MET A 5 6.65 9.98 9.74
C MET A 5 6.01 9.71 8.37
N ALA A 6 5.74 10.74 7.59
CA ALA A 6 5.13 10.55 6.24
C ALA A 6 6.25 10.46 5.18
N ALA A 7 7.29 9.72 5.46
CA ALA A 7 8.42 9.56 4.51
C ALA A 7 8.53 8.08 4.13
N SER A 8 8.62 7.21 5.11
CA SER A 8 8.70 5.74 4.85
C SER A 8 7.38 5.09 5.26
N ALA A 9 6.91 5.38 6.46
CA ALA A 9 5.62 4.80 6.95
C ALA A 9 4.43 5.28 6.08
N GLY A 10 4.45 6.50 5.60
CA GLY A 10 3.32 6.99 4.76
C GLY A 10 3.60 6.73 3.27
N GLY A 11 3.60 5.49 2.84
CA GLY A 11 3.88 5.18 1.40
C GLY A 11 3.68 3.69 1.11
N ALA A 12 4.71 2.90 1.31
CA ALA A 12 4.64 1.43 1.04
C ALA A 12 3.51 0.77 1.87
N VAL A 13 3.36 1.17 3.11
CA VAL A 13 2.28 0.59 3.98
C VAL A 13 0.91 0.83 3.34
N PHE A 14 0.70 2.03 2.81
CA PHE A 14 -0.59 2.36 2.15
C PHE A 14 -0.78 1.52 0.88
N VAL A 15 0.27 1.32 0.11
CA VAL A 15 0.17 0.49 -1.14
C VAL A 15 -0.27 -0.94 -0.77
N GLY A 16 0.29 -1.49 0.29
CA GLY A 16 -0.09 -2.86 0.73
C GLY A 16 -1.56 -2.87 1.18
N LEU A 17 -1.98 -1.83 1.89
CA LEU A 17 -3.39 -1.75 2.37
C LEU A 17 -4.34 -1.70 1.16
N VAL A 18 -4.06 -0.88 0.18
CA VAL A 18 -4.94 -0.80 -1.03
C VAL A 18 -5.17 -2.21 -1.61
N LEU A 19 -4.13 -3.01 -1.65
CA LEU A 19 -4.27 -4.41 -2.18
C LEU A 19 -4.93 -5.31 -1.14
N LEU A 20 -4.50 -5.24 0.10
CA LEU A 20 -5.11 -6.09 1.19
C LEU A 20 -6.60 -5.78 1.32
N THR A 21 -6.96 -4.51 1.32
CA THR A 21 -8.40 -4.12 1.42
C THR A 21 -9.14 -4.56 0.14
N LEU A 22 -8.47 -4.52 -1.00
CA LEU A 22 -9.11 -4.93 -2.30
C LEU A 22 -9.58 -6.39 -2.21
N SER A 23 -8.82 -7.24 -1.55
CA SER A 23 -9.21 -8.68 -1.41
C SER A 23 -10.09 -8.86 -0.17
N PRO A 24 -11.33 -9.28 -0.39
CA PRO A 24 -12.27 -9.49 0.75
C PRO A 24 -11.90 -10.75 1.55
N HIS A 25 -11.93 -10.66 2.85
CA HIS A 25 -11.58 -11.83 3.71
C HIS A 25 -12.86 -12.52 4.20
N TYR A 26 -13.73 -11.78 4.85
CA TYR A 26 -15.01 -12.36 5.36
C TYR A 26 -16.16 -11.40 5.01
N LYS A 27 -16.92 -11.74 3.98
CA LYS A 27 -18.07 -10.91 3.50
C LYS A 27 -17.57 -9.59 2.88
N MET A 1 -5.32 15.61 12.71
CA MET A 1 -4.93 15.30 11.30
C MET A 1 -3.52 15.84 11.02
N ASP A 2 -2.59 14.97 10.70
CA ASP A 2 -1.19 15.39 10.41
C ASP A 2 -0.46 14.37 9.52
N ARG A 3 -0.32 13.13 9.97
CA ARG A 3 0.36 12.06 9.19
C ARG A 3 1.80 12.46 8.80
N GLU A 4 2.69 12.57 9.77
CA GLU A 4 4.10 12.93 9.47
C GLU A 4 4.95 11.67 9.30
N MET A 5 5.03 10.85 10.32
CA MET A 5 5.83 9.59 10.24
C MET A 5 5.15 8.48 11.05
N ALA A 6 4.01 8.04 10.61
CA ALA A 6 3.27 6.95 11.32
C ALA A 6 3.68 5.58 10.76
N ALA A 7 3.77 5.45 9.46
CA ALA A 7 4.18 4.16 8.82
C ALA A 7 4.73 4.42 7.42
N SER A 8 6.02 4.19 7.22
CA SER A 8 6.66 4.41 5.88
C SER A 8 6.53 5.88 5.43
N ALA A 9 6.73 6.17 4.16
CA ALA A 9 6.61 7.58 3.67
C ALA A 9 5.16 7.91 3.27
N GLY A 10 4.19 7.46 4.04
CA GLY A 10 2.76 7.73 3.72
C GLY A 10 2.41 7.21 2.31
N GLY A 11 2.94 6.08 1.93
CA GLY A 11 2.66 5.51 0.58
C GLY A 11 2.97 4.02 0.55
N ALA A 12 4.17 3.63 0.92
CA ALA A 12 4.55 2.17 0.91
C ALA A 12 3.59 1.35 1.78
N VAL A 13 3.36 1.77 3.01
CA VAL A 13 2.42 1.02 3.91
C VAL A 13 0.98 1.08 3.36
N PHE A 14 0.61 2.16 2.70
CA PHE A 14 -0.76 2.28 2.13
C PHE A 14 -0.92 1.36 0.91
N VAL A 15 0.07 1.30 0.05
CA VAL A 15 -0.01 0.41 -1.17
C VAL A 15 -0.27 -1.04 -0.72
N GLY A 16 0.43 -1.51 0.28
CA GLY A 16 0.23 -2.90 0.80
C GLY A 16 -1.19 -3.04 1.38
N LEU A 17 -1.71 -1.99 1.97
CA LEU A 17 -3.08 -2.06 2.55
C LEU A 17 -4.13 -1.93 1.44
N VAL A 18 -3.87 -1.15 0.42
CA VAL A 18 -4.85 -1.00 -0.72
C VAL A 18 -5.10 -2.36 -1.39
N LEU A 19 -4.05 -3.11 -1.65
CA LEU A 19 -4.19 -4.46 -2.29
C LEU A 19 -4.97 -5.40 -1.34
N LEU A 20 -4.75 -5.28 -0.06
CA LEU A 20 -5.47 -6.16 0.92
C LEU A 20 -6.92 -5.66 1.13
N THR A 21 -7.12 -4.36 1.10
CA THR A 21 -8.50 -3.79 1.29
C THR A 21 -9.43 -4.22 0.14
N LEU A 22 -8.90 -4.55 -1.02
CA LEU A 22 -9.76 -4.97 -2.17
C LEU A 22 -10.49 -6.27 -1.83
N SER A 23 -9.82 -7.41 -1.85
CA SER A 23 -10.47 -8.73 -1.52
C SER A 23 -11.71 -8.97 -2.42
N PRO A 24 -12.47 -10.01 -2.15
CA PRO A 24 -13.68 -10.31 -2.97
C PRO A 24 -14.83 -9.34 -2.60
N HIS A 25 -14.68 -8.08 -2.95
CA HIS A 25 -15.74 -7.06 -2.63
C HIS A 25 -16.43 -6.62 -3.93
N TYR A 26 -15.68 -6.23 -4.93
CA TYR A 26 -16.29 -5.77 -6.22
C TYR A 26 -16.61 -6.99 -7.10
N LYS A 27 -17.66 -7.72 -6.75
CA LYS A 27 -18.10 -8.94 -7.51
C LYS A 27 -16.99 -10.01 -7.53
N MET A 1 20.70 5.88 -1.26
CA MET A 1 20.52 4.41 -1.11
C MET A 1 20.34 4.04 0.38
N ASP A 2 19.95 2.81 0.65
CA ASP A 2 19.73 2.30 2.04
C ASP A 2 18.54 3.00 2.73
N ARG A 3 18.63 4.29 2.97
CA ARG A 3 17.49 5.03 3.62
C ARG A 3 16.55 5.65 2.57
N GLU A 4 16.89 5.59 1.30
CA GLU A 4 16.00 6.18 0.24
C GLU A 4 14.61 5.53 0.30
N MET A 5 14.56 4.22 0.42
CA MET A 5 13.24 3.51 0.50
C MET A 5 12.60 3.74 1.88
N ALA A 6 13.41 3.88 2.91
CA ALA A 6 12.87 4.12 4.29
C ALA A 6 12.07 5.42 4.36
N ALA A 7 12.39 6.40 3.53
CA ALA A 7 11.64 7.69 3.53
C ALA A 7 10.21 7.49 3.02
N SER A 8 10.04 6.63 2.04
CA SER A 8 8.66 6.36 1.50
C SER A 8 8.02 5.14 2.18
N ALA A 9 8.38 4.85 3.41
CA ALA A 9 7.79 3.67 4.14
C ALA A 9 6.30 3.89 4.38
N GLY A 10 5.90 5.10 4.72
CA GLY A 10 4.45 5.39 4.97
C GLY A 10 3.66 5.12 3.69
N GLY A 11 4.12 5.63 2.57
CA GLY A 11 3.44 5.41 1.26
C GLY A 11 3.47 3.92 0.91
N ALA A 12 4.58 3.26 1.14
CA ALA A 12 4.70 1.79 0.84
C ALA A 12 3.64 1.00 1.63
N VAL A 13 3.50 1.29 2.91
CA VAL A 13 2.48 0.58 3.75
C VAL A 13 1.08 0.84 3.18
N PHE A 14 0.82 2.06 2.76
CA PHE A 14 -0.52 2.41 2.18
C PHE A 14 -0.77 1.57 0.91
N VAL A 15 0.24 1.37 0.09
CA VAL A 15 0.05 0.55 -1.16
C VAL A 15 -0.33 -0.88 -0.76
N GLY A 16 0.33 -1.43 0.24
CA GLY A 16 0.01 -2.82 0.70
C GLY A 16 -1.41 -2.84 1.28
N LEU A 17 -1.80 -1.78 1.98
CA LEU A 17 -3.17 -1.71 2.58
C LEU A 17 -4.24 -1.71 1.45
N VAL A 18 -4.03 -0.94 0.41
CA VAL A 18 -5.00 -0.90 -0.73
C VAL A 18 -5.17 -2.31 -1.31
N LEU A 19 -4.07 -3.01 -1.48
CA LEU A 19 -4.12 -4.42 -2.02
C LEU A 19 -4.86 -5.32 -1.03
N LEU A 20 -4.63 -5.12 0.26
CA LEU A 20 -5.32 -5.96 1.30
C LEU A 20 -6.84 -5.78 1.20
N THR A 21 -7.30 -4.56 1.00
CA THR A 21 -8.78 -4.30 0.89
C THR A 21 -9.33 -4.91 -0.41
N LEU A 22 -8.53 -5.01 -1.46
CA LEU A 22 -9.00 -5.60 -2.75
C LEU A 22 -9.15 -7.12 -2.63
N SER A 23 -8.35 -7.76 -1.78
CA SER A 23 -8.41 -9.24 -1.59
C SER A 23 -8.05 -9.97 -2.90
N PRO A 24 -6.77 -9.95 -3.24
CA PRO A 24 -6.29 -10.62 -4.48
C PRO A 24 -6.23 -12.15 -4.26
N HIS A 25 -7.36 -12.78 -4.14
CA HIS A 25 -7.42 -14.25 -3.91
C HIS A 25 -8.15 -14.97 -5.06
N TYR A 26 -9.17 -14.35 -5.63
CA TYR A 26 -9.95 -14.96 -6.76
C TYR A 26 -10.61 -16.28 -6.32
N LYS A 27 -11.13 -17.05 -7.25
CA LYS A 27 -11.81 -18.36 -6.96
C LYS A 27 -13.12 -18.16 -6.18
N MET A 1 5.53 11.46 -16.39
CA MET A 1 5.79 10.65 -15.17
C MET A 1 7.12 11.10 -14.51
N ASP A 2 7.07 11.54 -13.28
CA ASP A 2 8.31 11.99 -12.58
C ASP A 2 8.38 11.39 -11.17
N ARG A 3 7.36 11.56 -10.36
CA ARG A 3 7.37 10.99 -8.98
C ARG A 3 7.19 9.47 -9.06
N GLU A 4 8.25 8.73 -8.84
CA GLU A 4 8.17 7.24 -8.90
C GLU A 4 7.97 6.66 -7.49
N MET A 5 8.84 6.97 -6.56
CA MET A 5 8.68 6.45 -5.16
C MET A 5 7.70 7.32 -4.38
N ALA A 6 7.79 8.62 -4.52
CA ALA A 6 6.86 9.55 -3.78
C ALA A 6 5.40 9.32 -4.20
N ALA A 7 5.15 9.03 -5.47
CA ALA A 7 3.75 8.80 -5.94
C ALA A 7 3.36 7.31 -5.86
N SER A 8 4.00 6.53 -5.02
CA SER A 8 3.66 5.08 -4.91
C SER A 8 2.53 4.89 -3.89
N ALA A 9 1.37 5.47 -4.17
CA ALA A 9 0.16 5.38 -3.28
C ALA A 9 0.56 5.47 -1.80
N GLY A 10 0.72 6.66 -1.28
CA GLY A 10 1.12 6.81 0.15
C GLY A 10 2.65 6.64 0.23
N GLY A 11 3.12 5.44 -0.08
CA GLY A 11 4.58 5.16 -0.05
C GLY A 11 4.82 3.69 0.29
N ALA A 12 4.18 2.77 -0.42
CA ALA A 12 4.33 1.29 -0.18
C ALA A 12 3.55 0.85 1.08
N VAL A 13 3.71 1.57 2.17
CA VAL A 13 2.99 1.24 3.45
C VAL A 13 1.47 1.27 3.16
N PHE A 14 1.04 2.29 2.46
CA PHE A 14 -0.41 2.44 2.12
C PHE A 14 -0.79 1.47 0.98
N VAL A 15 0.13 1.18 0.08
CA VAL A 15 -0.15 0.24 -1.05
C VAL A 15 -0.53 -1.15 -0.49
N GLY A 16 0.19 -1.65 0.48
CA GLY A 16 -0.11 -2.99 1.07
C GLY A 16 -1.54 -2.99 1.65
N LEU A 17 -1.92 -1.92 2.32
CA LEU A 17 -3.30 -1.85 2.91
C LEU A 17 -4.35 -1.81 1.80
N VAL A 18 -4.15 -1.02 0.77
CA VAL A 18 -5.13 -0.95 -0.36
C VAL A 18 -5.13 -2.29 -1.09
N LEU A 19 -3.97 -2.87 -1.32
CA LEU A 19 -3.88 -4.19 -2.02
C LEU A 19 -4.66 -5.25 -1.23
N LEU A 20 -4.70 -5.14 0.08
CA LEU A 20 -5.45 -6.13 0.93
C LEU A 20 -6.96 -5.92 0.75
N THR A 21 -7.41 -4.69 0.77
CA THR A 21 -8.87 -4.39 0.61
C THR A 21 -9.30 -4.56 -0.86
N LEU A 22 -8.41 -4.33 -1.80
CA LEU A 22 -8.76 -4.47 -3.24
C LEU A 22 -8.20 -5.80 -3.76
N SER A 23 -8.67 -6.89 -3.20
CA SER A 23 -8.19 -8.24 -3.62
C SER A 23 -9.36 -9.06 -4.22
N PRO A 24 -9.70 -8.78 -5.46
CA PRO A 24 -10.81 -9.50 -6.14
C PRO A 24 -10.26 -10.78 -6.80
N HIS A 25 -9.89 -11.76 -5.98
CA HIS A 25 -9.32 -13.05 -6.49
C HIS A 25 -8.08 -12.78 -7.35
N TYR A 26 -7.08 -12.13 -6.78
CA TYR A 26 -5.84 -11.81 -7.52
C TYR A 26 -4.61 -12.42 -6.82
N LYS A 27 -3.50 -12.53 -7.53
CA LYS A 27 -2.26 -13.12 -6.93
C LYS A 27 -1.13 -12.07 -6.94
N MET A 1 18.40 7.74 10.90
CA MET A 1 18.08 6.42 10.26
C MET A 1 17.47 6.65 8.88
N ASP A 2 18.23 6.43 7.83
CA ASP A 2 17.71 6.65 6.44
C ASP A 2 17.54 5.29 5.73
N ARG A 3 17.09 4.29 6.44
CA ARG A 3 16.89 2.94 5.83
C ARG A 3 15.40 2.56 5.96
N GLU A 4 14.85 2.75 7.14
CA GLU A 4 13.40 2.42 7.37
C GLU A 4 12.56 3.69 7.12
N MET A 5 13.06 4.84 7.50
CA MET A 5 12.30 6.12 7.29
C MET A 5 12.68 6.79 5.96
N ALA A 6 13.26 6.06 5.03
CA ALA A 6 13.64 6.66 3.71
C ALA A 6 12.53 6.36 2.68
N ALA A 7 12.35 5.11 2.33
CA ALA A 7 11.29 4.74 1.33
C ALA A 7 10.77 3.30 1.59
N SER A 8 10.94 2.78 2.78
CA SER A 8 10.45 1.39 3.10
C SER A 8 9.22 1.45 4.00
N ALA A 9 9.27 2.18 5.09
CA ALA A 9 8.07 2.27 5.99
C ALA A 9 7.19 3.46 5.58
N GLY A 10 6.49 3.36 4.48
CA GLY A 10 5.62 4.48 4.03
C GLY A 10 4.82 4.09 2.78
N GLY A 11 5.42 4.18 1.62
CA GLY A 11 4.71 3.82 0.34
C GLY A 11 4.20 2.38 0.38
N ALA A 12 5.03 1.45 0.78
CA ALA A 12 4.63 0.01 0.86
C ALA A 12 3.44 -0.17 1.82
N VAL A 13 3.40 0.59 2.90
CA VAL A 13 2.28 0.49 3.89
C VAL A 13 0.98 0.99 3.24
N PHE A 14 1.02 2.11 2.55
CA PHE A 14 -0.21 2.66 1.89
C PHE A 14 -0.66 1.75 0.75
N VAL A 15 0.25 1.36 -0.13
CA VAL A 15 -0.10 0.46 -1.27
C VAL A 15 -0.50 -0.94 -0.75
N GLY A 16 0.21 -1.43 0.25
CA GLY A 16 -0.10 -2.77 0.84
C GLY A 16 -1.51 -2.78 1.42
N LEU A 17 -1.89 -1.74 2.13
CA LEU A 17 -3.27 -1.66 2.73
C LEU A 17 -4.33 -1.68 1.61
N VAL A 18 -4.13 -0.90 0.57
CA VAL A 18 -5.11 -0.86 -0.57
C VAL A 18 -5.14 -2.26 -1.23
N LEU A 19 -4.00 -2.88 -1.41
CA LEU A 19 -3.96 -4.24 -2.03
C LEU A 19 -4.65 -5.25 -1.11
N LEU A 20 -4.55 -5.06 0.19
CA LEU A 20 -5.20 -6.00 1.16
C LEU A 20 -6.73 -5.85 1.12
N THR A 21 -7.24 -4.64 0.93
CA THR A 21 -8.72 -4.44 0.88
C THR A 21 -9.32 -5.04 -0.41
N LEU A 22 -8.54 -5.20 -1.46
CA LEU A 22 -9.07 -5.77 -2.74
C LEU A 22 -8.59 -7.22 -2.93
N SER A 23 -7.39 -7.53 -2.47
CA SER A 23 -6.80 -8.91 -2.61
C SER A 23 -6.48 -9.24 -4.08
N PRO A 24 -5.72 -10.30 -4.28
CA PRO A 24 -5.34 -10.73 -5.65
C PRO A 24 -6.44 -11.63 -6.24
N HIS A 25 -7.63 -11.10 -6.42
CA HIS A 25 -8.78 -11.88 -6.96
C HIS A 25 -8.97 -13.19 -6.18
N TYR A 26 -8.95 -13.11 -4.86
CA TYR A 26 -9.13 -14.33 -4.01
C TYR A 26 -10.25 -14.13 -2.98
N LYS A 27 -11.22 -15.01 -2.97
CA LYS A 27 -12.38 -14.92 -2.01
C LYS A 27 -13.08 -13.55 -2.11
N MET A 1 -2.23 19.51 -0.23
CA MET A 1 -1.64 18.17 -0.49
C MET A 1 -0.94 18.12 -1.86
N ASP A 2 -0.31 19.19 -2.28
CA ASP A 2 0.40 19.19 -3.60
C ASP A 2 1.84 18.74 -3.41
N ARG A 3 2.52 19.29 -2.44
CA ARG A 3 3.95 18.89 -2.18
C ARG A 3 4.05 17.95 -0.96
N GLU A 4 3.01 17.86 -0.15
CA GLU A 4 3.05 16.96 1.06
C GLU A 4 2.97 15.48 0.64
N MET A 5 2.05 15.14 -0.21
CA MET A 5 1.91 13.71 -0.66
C MET A 5 2.99 13.34 -1.69
N ALA A 6 3.23 14.19 -2.67
CA ALA A 6 4.27 13.94 -3.72
C ALA A 6 4.08 12.57 -4.39
N ALA A 7 2.84 12.15 -4.57
CA ALA A 7 2.52 10.82 -5.23
C ALA A 7 3.28 9.65 -4.58
N SER A 8 3.31 9.61 -3.27
CA SER A 8 4.02 8.49 -2.55
C SER A 8 3.04 7.34 -2.22
N ALA A 9 1.77 7.45 -2.59
CA ALA A 9 0.76 6.39 -2.30
C ALA A 9 0.80 6.06 -0.80
N GLY A 10 0.59 7.06 0.03
CA GLY A 10 0.62 6.84 1.52
C GLY A 10 2.09 6.81 1.96
N GLY A 11 2.82 5.84 1.48
CA GLY A 11 4.26 5.70 1.83
C GLY A 11 4.63 4.22 1.88
N ALA A 12 4.29 3.48 0.83
CA ALA A 12 4.57 2.00 0.73
C ALA A 12 3.60 1.21 1.62
N VAL A 13 3.43 1.63 2.86
CA VAL A 13 2.50 0.94 3.81
C VAL A 13 1.07 0.96 3.24
N PHE A 14 0.65 2.10 2.75
CA PHE A 14 -0.73 2.24 2.17
C PHE A 14 -0.86 1.40 0.88
N VAL A 15 0.20 1.30 0.08
CA VAL A 15 0.13 0.49 -1.18
C VAL A 15 -0.25 -0.96 -0.81
N GLY A 16 0.39 -1.52 0.18
CA GLY A 16 0.08 -2.92 0.61
C GLY A 16 -1.32 -2.94 1.23
N LEU A 17 -1.67 -1.91 1.98
CA LEU A 17 -3.02 -1.83 2.63
C LEU A 17 -4.11 -1.77 1.55
N VAL A 18 -3.90 -0.98 0.51
CA VAL A 18 -4.91 -0.87 -0.60
C VAL A 18 -5.12 -2.26 -1.23
N LEU A 19 -4.03 -3.01 -1.40
CA LEU A 19 -4.13 -4.38 -2.01
C LEU A 19 -4.94 -5.29 -1.08
N LEU A 20 -4.72 -5.22 0.21
CA LEU A 20 -5.47 -6.08 1.19
C LEU A 20 -6.98 -5.79 1.08
N THR A 21 -7.36 -4.53 1.03
CA THR A 21 -8.80 -4.17 0.91
C THR A 21 -9.36 -4.65 -0.42
N LEU A 22 -8.55 -4.66 -1.47
CA LEU A 22 -9.03 -5.15 -2.81
C LEU A 22 -9.39 -6.63 -2.72
N SER A 23 -8.68 -7.39 -1.91
CA SER A 23 -8.97 -8.85 -1.75
C SER A 23 -10.14 -9.03 -0.76
N PRO A 24 -11.22 -9.61 -1.22
CA PRO A 24 -12.41 -9.84 -0.35
C PRO A 24 -12.13 -10.92 0.72
N HIS A 25 -12.47 -10.64 1.96
CA HIS A 25 -12.24 -11.64 3.05
C HIS A 25 -13.39 -11.59 4.09
N TYR A 26 -14.59 -11.93 3.68
CA TYR A 26 -15.76 -11.89 4.63
C TYR A 26 -16.13 -13.32 5.07
N LYS A 27 -15.30 -13.94 5.87
CA LYS A 27 -15.59 -15.33 6.37
C LYS A 27 -14.73 -15.67 7.60
N MET A 1 18.20 0.28 -10.36
CA MET A 1 17.52 -1.04 -10.27
C MET A 1 16.06 -0.93 -10.69
N ASP A 2 15.35 -2.04 -10.75
CA ASP A 2 13.92 -2.02 -11.15
C ASP A 2 13.02 -2.23 -9.92
N ARG A 3 11.84 -1.64 -9.92
CA ARG A 3 10.87 -1.77 -8.79
C ARG A 3 11.48 -1.25 -7.47
N GLU A 4 12.06 -2.11 -6.65
CA GLU A 4 12.68 -1.70 -5.34
C GLU A 4 11.69 -0.94 -4.42
N MET A 5 10.40 -1.05 -4.66
CA MET A 5 9.38 -0.35 -3.82
C MET A 5 7.98 -0.84 -4.20
N ALA A 6 7.58 -0.63 -5.45
CA ALA A 6 6.24 -1.05 -5.96
C ALA A 6 5.11 -0.41 -5.11
N ALA A 7 5.33 0.79 -4.62
CA ALA A 7 4.29 1.49 -3.80
C ALA A 7 4.46 3.01 -3.96
N SER A 8 5.45 3.59 -3.31
CA SER A 8 5.72 5.07 -3.38
C SER A 8 4.51 5.93 -2.96
N ALA A 9 3.52 6.07 -3.82
CA ALA A 9 2.31 6.90 -3.50
C ALA A 9 1.71 6.58 -2.12
N GLY A 10 1.66 5.32 -1.73
CA GLY A 10 1.09 4.97 -0.39
C GLY A 10 2.18 4.96 0.67
N GLY A 11 3.16 5.84 0.57
CA GLY A 11 4.27 5.88 1.58
C GLY A 11 4.90 4.49 1.75
N ALA A 12 4.90 3.67 0.70
CA ALA A 12 5.47 2.29 0.77
C ALA A 12 4.85 1.49 1.94
N VAL A 13 3.63 1.83 2.30
CA VAL A 13 2.91 1.14 3.42
C VAL A 13 1.43 1.05 3.02
N PHE A 14 0.81 2.19 2.82
CA PHE A 14 -0.63 2.23 2.41
C PHE A 14 -0.85 1.40 1.14
N VAL A 15 0.13 1.34 0.26
CA VAL A 15 -0.02 0.53 -0.99
C VAL A 15 -0.35 -0.93 -0.62
N GLY A 16 0.31 -1.48 0.38
CA GLY A 16 0.04 -2.88 0.81
C GLY A 16 -1.39 -2.95 1.37
N LEU A 17 -1.79 -1.95 2.12
CA LEU A 17 -3.17 -1.93 2.70
C LEU A 17 -4.21 -1.87 1.57
N VAL A 18 -3.95 -1.08 0.54
CA VAL A 18 -4.91 -0.98 -0.62
C VAL A 18 -5.07 -2.37 -1.25
N LEU A 19 -3.98 -3.11 -1.37
CA LEU A 19 -4.05 -4.48 -1.97
C LEU A 19 -4.92 -5.39 -1.08
N LEU A 20 -4.79 -5.26 0.23
CA LEU A 20 -5.59 -6.08 1.17
C LEU A 20 -7.09 -5.74 1.02
N THR A 21 -7.41 -4.49 0.79
CA THR A 21 -8.85 -4.09 0.63
C THR A 21 -9.42 -4.69 -0.67
N LEU A 22 -8.60 -4.84 -1.69
CA LEU A 22 -9.09 -5.42 -2.98
C LEU A 22 -9.20 -6.96 -2.87
N SER A 23 -8.09 -7.64 -2.68
CA SER A 23 -8.12 -9.14 -2.56
C SER A 23 -6.79 -9.67 -2.00
N PRO A 24 -6.75 -9.87 -0.71
CA PRO A 24 -5.52 -10.39 -0.04
C PRO A 24 -5.46 -11.94 -0.12
N HIS A 25 -4.76 -12.46 -1.09
CA HIS A 25 -4.65 -13.95 -1.24
C HIS A 25 -3.24 -14.45 -0.88
N TYR A 26 -2.21 -13.69 -1.20
CA TYR A 26 -0.82 -14.11 -0.88
C TYR A 26 -0.58 -14.07 0.65
N LYS A 27 0.25 -14.96 1.14
CA LYS A 27 0.55 -14.99 2.61
C LYS A 27 2.05 -14.86 2.86
N MET A 1 14.25 -0.72 -8.24
CA MET A 1 13.10 -0.13 -9.01
C MET A 1 12.92 1.36 -8.66
N ASP A 2 11.90 1.99 -9.19
CA ASP A 2 11.66 3.44 -8.89
C ASP A 2 10.98 3.60 -7.53
N ARG A 3 11.03 4.80 -6.96
CA ARG A 3 10.40 5.07 -5.63
C ARG A 3 10.83 4.05 -4.57
N GLU A 4 12.12 3.79 -4.48
CA GLU A 4 12.63 2.80 -3.46
C GLU A 4 12.90 3.52 -2.13
N MET A 5 13.43 4.72 -2.19
CA MET A 5 13.73 5.49 -0.95
C MET A 5 12.73 6.65 -0.77
N ALA A 6 12.08 7.09 -1.82
CA ALA A 6 11.09 8.22 -1.70
C ALA A 6 9.88 7.79 -0.85
N ALA A 7 9.27 6.67 -1.17
CA ALA A 7 8.10 6.19 -0.38
C ALA A 7 8.40 4.80 0.20
N SER A 8 9.20 4.76 1.23
CA SER A 8 9.57 3.45 1.88
C SER A 8 9.19 3.45 3.38
N ALA A 9 8.21 4.23 3.77
CA ALA A 9 7.79 4.27 5.21
C ALA A 9 6.28 4.32 5.32
N GLY A 10 5.65 5.34 4.79
CA GLY A 10 4.16 5.46 4.85
C GLY A 10 3.55 5.08 3.49
N GLY A 11 4.12 5.55 2.41
CA GLY A 11 3.60 5.25 1.03
C GLY A 11 3.59 3.73 0.79
N ALA A 12 4.68 3.04 1.09
CA ALA A 12 4.73 1.55 0.87
C ALA A 12 3.64 0.85 1.70
N VAL A 13 3.50 1.23 2.95
CA VAL A 13 2.46 0.61 3.83
C VAL A 13 1.06 0.90 3.25
N PHE A 14 0.86 2.09 2.74
CA PHE A 14 -0.48 2.45 2.14
C PHE A 14 -0.75 1.58 0.90
N VAL A 15 0.23 1.38 0.06
CA VAL A 15 0.04 0.53 -1.18
C VAL A 15 -0.35 -0.90 -0.75
N GLY A 16 0.30 -1.43 0.27
CA GLY A 16 -0.02 -2.81 0.74
C GLY A 16 -1.46 -2.84 1.28
N LEU A 17 -1.87 -1.80 1.99
CA LEU A 17 -3.26 -1.74 2.54
C LEU A 17 -4.29 -1.71 1.41
N VAL A 18 -4.03 -0.94 0.37
CA VAL A 18 -5.00 -0.87 -0.79
C VAL A 18 -5.15 -2.29 -1.39
N LEU A 19 -4.07 -3.02 -1.49
CA LEU A 19 -4.12 -4.40 -2.05
C LEU A 19 -4.89 -5.32 -1.09
N LEU A 20 -4.60 -5.23 0.19
CA LEU A 20 -5.29 -6.08 1.22
C LEU A 20 -6.82 -5.81 1.20
N THR A 21 -7.21 -4.56 1.05
CA THR A 21 -8.67 -4.22 1.02
C THR A 21 -9.31 -4.82 -0.25
N LEU A 22 -8.60 -4.80 -1.36
CA LEU A 22 -9.14 -5.37 -2.64
C LEU A 22 -9.45 -6.87 -2.45
N SER A 23 -8.58 -7.60 -1.80
CA SER A 23 -8.83 -9.05 -1.57
C SER A 23 -9.86 -9.24 -0.44
N PRO A 24 -10.55 -10.36 -0.45
CA PRO A 24 -11.58 -10.64 0.58
C PRO A 24 -10.92 -10.97 1.94
N HIS A 25 -10.50 -9.96 2.66
CA HIS A 25 -9.85 -10.15 4.00
C HIS A 25 -10.89 -10.26 5.13
N TYR A 26 -12.03 -9.62 4.98
CA TYR A 26 -13.11 -9.65 6.03
C TYR A 26 -12.57 -9.10 7.36
N LYS A 27 -12.50 -7.79 7.47
CA LYS A 27 -11.98 -7.09 8.70
C LYS A 27 -10.47 -7.34 8.86
N MET A 1 19.19 2.90 -3.04
CA MET A 1 18.36 3.84 -2.23
C MET A 1 18.79 5.28 -2.53
N ASP A 2 17.97 6.02 -3.25
CA ASP A 2 18.32 7.44 -3.59
C ASP A 2 17.13 8.38 -3.36
N ARG A 3 16.25 8.05 -2.44
CA ARG A 3 15.04 8.90 -2.13
C ARG A 3 14.22 9.24 -3.39
N GLU A 4 13.77 8.24 -4.11
CA GLU A 4 12.96 8.50 -5.34
C GLU A 4 11.76 7.53 -5.44
N MET A 5 11.98 6.25 -5.21
CA MET A 5 10.84 5.27 -5.30
C MET A 5 10.30 4.88 -3.90
N ALA A 6 10.98 5.24 -2.83
CA ALA A 6 10.49 4.88 -1.46
C ALA A 6 9.19 5.63 -1.09
N ALA A 7 8.97 6.80 -1.64
CA ALA A 7 7.72 7.57 -1.33
C ALA A 7 6.48 6.80 -1.78
N SER A 8 6.32 6.54 -3.07
CA SER A 8 5.13 5.79 -3.58
C SER A 8 3.82 6.47 -3.12
N ALA A 9 2.70 5.79 -3.22
CA ALA A 9 1.41 6.39 -2.77
C ALA A 9 1.16 6.04 -1.30
N GLY A 10 1.64 6.86 -0.39
CA GLY A 10 1.44 6.59 1.06
C GLY A 10 2.74 6.14 1.75
N GLY A 11 3.77 5.79 1.01
CA GLY A 11 5.04 5.33 1.65
C GLY A 11 5.15 3.81 1.63
N ALA A 12 4.65 3.17 0.58
CA ALA A 12 4.68 1.67 0.43
C ALA A 12 3.67 1.00 1.38
N VAL A 13 3.64 1.40 2.62
CA VAL A 13 2.67 0.83 3.63
C VAL A 13 1.24 0.99 3.11
N PHE A 14 0.90 2.19 2.68
CA PHE A 14 -0.47 2.49 2.15
C PHE A 14 -0.78 1.60 0.93
N VAL A 15 0.19 1.38 0.06
CA VAL A 15 -0.05 0.52 -1.15
C VAL A 15 -0.40 -0.90 -0.71
N GLY A 16 0.32 -1.45 0.25
CA GLY A 16 0.03 -2.84 0.74
C GLY A 16 -1.37 -2.89 1.37
N LEU A 17 -1.76 -1.84 2.09
CA LEU A 17 -3.11 -1.81 2.75
C LEU A 17 -4.20 -1.80 1.66
N VAL A 18 -4.04 -1.01 0.62
CA VAL A 18 -5.07 -0.96 -0.47
C VAL A 18 -5.17 -2.35 -1.12
N LEU A 19 -4.05 -3.03 -1.28
CA LEU A 19 -4.05 -4.39 -1.89
C LEU A 19 -4.86 -5.35 -1.00
N LEU A 20 -4.72 -5.22 0.30
CA LEU A 20 -5.46 -6.09 1.26
C LEU A 20 -6.98 -5.87 1.15
N THR A 21 -7.41 -4.71 0.71
CA THR A 21 -8.87 -4.42 0.57
C THR A 21 -9.35 -4.51 -0.90
N LEU A 22 -8.44 -4.61 -1.86
CA LEU A 22 -8.87 -4.69 -3.29
C LEU A 22 -8.39 -5.99 -3.96
N SER A 23 -7.15 -6.38 -3.75
CA SER A 23 -6.65 -7.65 -4.39
C SER A 23 -6.90 -8.87 -3.50
N PRO A 24 -7.77 -9.76 -3.94
CA PRO A 24 -8.10 -10.99 -3.16
C PRO A 24 -6.97 -12.02 -3.30
N HIS A 25 -6.02 -12.00 -2.41
CA HIS A 25 -4.89 -12.97 -2.47
C HIS A 25 -5.30 -14.31 -1.83
N TYR A 26 -5.86 -14.25 -0.64
CA TYR A 26 -6.30 -15.50 0.07
C TYR A 26 -7.78 -15.35 0.46
N LYS A 27 -8.65 -15.36 -0.52
CA LYS A 27 -10.12 -15.21 -0.25
C LYS A 27 -10.92 -16.28 -1.00
N MET A 1 6.23 6.46 -20.41
CA MET A 1 6.13 5.79 -19.07
C MET A 1 6.39 6.79 -17.95
N ASP A 2 5.61 6.75 -16.89
CA ASP A 2 5.81 7.70 -15.75
C ASP A 2 5.93 6.94 -14.42
N ARG A 3 6.51 5.76 -14.44
CA ARG A 3 6.68 4.98 -13.17
C ARG A 3 7.85 5.54 -12.36
N GLU A 4 7.57 6.49 -11.49
CA GLU A 4 8.64 7.10 -10.65
C GLU A 4 8.14 7.29 -9.21
N MET A 5 7.14 8.11 -9.00
CA MET A 5 6.59 8.35 -7.62
C MET A 5 5.13 7.88 -7.52
N ALA A 6 4.71 6.96 -8.36
CA ALA A 6 3.29 6.46 -8.31
C ALA A 6 3.23 5.16 -7.49
N ALA A 7 4.17 4.26 -7.71
CA ALA A 7 4.20 2.97 -6.95
C ALA A 7 4.65 3.23 -5.51
N SER A 8 5.56 4.15 -5.30
CA SER A 8 6.06 4.44 -3.93
C SER A 8 5.34 5.69 -3.36
N ALA A 9 4.03 5.75 -3.48
CA ALA A 9 3.27 6.93 -2.97
C ALA A 9 2.61 6.61 -1.61
N GLY A 10 2.32 5.36 -1.34
CA GLY A 10 1.67 4.98 -0.04
C GLY A 10 2.73 4.69 1.03
N GLY A 11 3.87 5.35 0.99
CA GLY A 11 4.94 5.11 2.00
C GLY A 11 5.28 3.62 2.14
N ALA A 12 5.13 2.84 1.08
CA ALA A 12 5.42 1.37 1.13
C ALA A 12 4.53 0.65 2.18
N VAL A 13 3.50 1.29 2.66
CA VAL A 13 2.57 0.68 3.66
C VAL A 13 1.15 0.83 3.13
N PHE A 14 0.74 2.06 2.88
CA PHE A 14 -0.62 2.34 2.34
C PHE A 14 -0.84 1.54 1.04
N VAL A 15 0.18 1.41 0.23
CA VAL A 15 0.06 0.63 -1.05
C VAL A 15 -0.32 -0.83 -0.72
N GLY A 16 0.31 -1.40 0.29
CA GLY A 16 0.00 -2.80 0.70
C GLY A 16 -1.44 -2.86 1.24
N LEU A 17 -1.86 -1.82 1.96
CA LEU A 17 -3.26 -1.78 2.52
C LEU A 17 -4.29 -1.77 1.38
N VAL A 18 -4.02 -1.03 0.32
CA VAL A 18 -4.97 -0.98 -0.85
C VAL A 18 -5.11 -2.40 -1.42
N LEU A 19 -4.00 -3.11 -1.51
CA LEU A 19 -4.02 -4.52 -2.03
C LEU A 19 -4.79 -5.41 -1.06
N LEU A 20 -4.64 -5.16 0.23
CA LEU A 20 -5.36 -5.97 1.28
C LEU A 20 -6.86 -5.69 1.22
N THR A 21 -7.25 -4.45 1.03
CA THR A 21 -8.71 -4.09 0.96
C THR A 21 -9.37 -4.73 -0.28
N LEU A 22 -8.61 -5.03 -1.32
CA LEU A 22 -9.19 -5.66 -2.55
C LEU A 22 -9.80 -7.03 -2.22
N SER A 23 -8.99 -7.96 -1.74
CA SER A 23 -9.47 -9.34 -1.38
C SER A 23 -10.03 -10.08 -2.61
N PRO A 24 -9.20 -10.91 -3.22
CA PRO A 24 -9.62 -11.69 -4.42
C PRO A 24 -10.60 -12.82 -4.04
N HIS A 25 -11.66 -12.98 -4.80
CA HIS A 25 -12.66 -14.05 -4.50
C HIS A 25 -12.21 -15.40 -5.06
N TYR A 26 -11.77 -15.43 -6.31
CA TYR A 26 -11.30 -16.69 -6.96
C TYR A 26 -12.41 -17.77 -6.92
N LYS A 27 -13.62 -17.38 -7.24
CA LYS A 27 -14.80 -18.32 -7.25
C LYS A 27 -15.01 -18.97 -5.86
N MET A 1 22.49 12.41 -5.82
CA MET A 1 21.94 12.72 -7.17
C MET A 1 20.64 11.93 -7.40
N ASP A 2 19.56 12.39 -6.80
CA ASP A 2 18.25 11.69 -6.95
C ASP A 2 17.09 12.67 -6.68
N ARG A 3 15.98 12.51 -7.37
CA ARG A 3 14.81 13.42 -7.17
C ARG A 3 13.51 12.77 -7.68
N GLU A 4 13.30 11.51 -7.38
CA GLU A 4 12.06 10.80 -7.84
C GLU A 4 11.41 10.03 -6.68
N MET A 5 12.14 9.12 -6.08
CA MET A 5 11.59 8.31 -4.93
C MET A 5 12.32 8.64 -3.62
N ALA A 6 12.71 9.88 -3.43
CA ALA A 6 13.44 10.26 -2.17
C ALA A 6 12.56 10.01 -0.93
N ALA A 7 11.28 10.28 -1.01
CA ALA A 7 10.36 10.05 0.15
C ALA A 7 9.84 8.60 0.10
N SER A 8 8.63 8.38 -0.38
CA SER A 8 8.05 6.99 -0.46
C SER A 8 8.06 6.26 0.90
N ALA A 9 8.21 6.97 1.99
CA ALA A 9 8.23 6.31 3.34
C ALA A 9 6.80 5.93 3.74
N GLY A 10 5.87 6.83 3.51
CA GLY A 10 4.44 6.56 3.85
C GLY A 10 3.67 6.10 2.60
N GLY A 11 4.34 5.48 1.64
CA GLY A 11 3.64 5.01 0.40
C GLY A 11 3.57 3.48 0.38
N ALA A 12 4.64 2.80 0.75
CA ALA A 12 4.64 1.30 0.76
C ALA A 12 3.52 0.74 1.63
N VAL A 13 3.44 1.16 2.88
CA VAL A 13 2.36 0.65 3.81
C VAL A 13 0.97 0.96 3.21
N PHE A 14 0.82 2.11 2.58
CA PHE A 14 -0.50 2.49 1.97
C PHE A 14 -0.85 1.52 0.83
N VAL A 15 0.10 1.22 -0.03
CA VAL A 15 -0.17 0.28 -1.18
C VAL A 15 -0.52 -1.11 -0.64
N GLY A 16 0.13 -1.55 0.41
CA GLY A 16 -0.16 -2.90 1.01
C GLY A 16 -1.62 -2.93 1.48
N LEU A 17 -2.07 -1.88 2.12
CA LEU A 17 -3.48 -1.82 2.61
C LEU A 17 -4.42 -1.77 1.41
N VAL A 18 -4.13 -0.93 0.43
CA VAL A 18 -5.02 -0.85 -0.78
C VAL A 18 -5.03 -2.21 -1.49
N LEU A 19 -3.91 -2.90 -1.52
CA LEU A 19 -3.86 -4.25 -2.19
C LEU A 19 -4.55 -5.31 -1.32
N LEU A 20 -4.49 -5.20 -0.01
CA LEU A 20 -5.15 -6.21 0.88
C LEU A 20 -6.64 -5.86 1.08
N THR A 21 -6.96 -4.59 1.19
CA THR A 21 -8.38 -4.17 1.40
C THR A 21 -9.11 -3.99 0.05
N LEU A 22 -8.53 -3.25 -0.86
CA LEU A 22 -9.18 -3.03 -2.20
C LEU A 22 -8.78 -4.14 -3.17
N SER A 23 -7.50 -4.44 -3.23
CA SER A 23 -6.95 -5.51 -4.15
C SER A 23 -7.05 -5.09 -5.63
N PRO A 24 -5.95 -5.22 -6.34
CA PRO A 24 -5.93 -4.85 -7.79
C PRO A 24 -6.64 -5.89 -8.68
N HIS A 25 -6.87 -7.08 -8.17
CA HIS A 25 -7.55 -8.18 -8.95
C HIS A 25 -6.83 -8.44 -10.28
N TYR A 26 -5.52 -8.55 -10.25
CA TYR A 26 -4.74 -8.81 -11.50
C TYR A 26 -3.58 -9.77 -11.21
N LYS A 27 -3.30 -10.68 -12.10
CA LYS A 27 -2.18 -11.65 -11.90
C LYS A 27 -1.46 -11.90 -13.24
N MET A 1 11.65 5.64 -8.11
CA MET A 1 11.72 4.30 -7.46
C MET A 1 12.57 3.35 -8.32
N ASP A 2 13.74 2.98 -7.85
CA ASP A 2 14.63 2.07 -8.64
C ASP A 2 15.23 0.97 -7.76
N ARG A 3 15.95 1.32 -6.72
CA ARG A 3 16.56 0.28 -5.82
C ARG A 3 16.40 0.70 -4.35
N GLU A 4 17.45 0.57 -3.54
CA GLU A 4 17.38 0.95 -2.09
C GLU A 4 16.31 0.11 -1.38
N MET A 5 16.62 -1.14 -1.13
CA MET A 5 15.66 -2.09 -0.46
C MET A 5 14.35 -2.17 -1.25
N ALA A 6 14.41 -1.98 -2.56
CA ALA A 6 13.20 -2.02 -3.44
C ALA A 6 12.07 -1.13 -2.88
N ALA A 7 12.42 -0.01 -2.30
CA ALA A 7 11.42 0.95 -1.71
C ALA A 7 10.50 0.27 -0.69
N SER A 8 10.97 -0.76 -0.02
CA SER A 8 10.12 -1.47 0.99
C SER A 8 10.15 -0.71 2.32
N ALA A 9 9.35 0.32 2.45
CA ALA A 9 9.31 1.11 3.72
C ALA A 9 7.96 1.83 3.89
N GLY A 10 7.64 2.77 3.04
CA GLY A 10 6.34 3.51 3.15
C GLY A 10 5.34 3.01 2.11
N GLY A 11 5.80 2.49 0.98
CA GLY A 11 4.89 1.97 -0.08
C GLY A 11 3.99 0.86 0.48
N ALA A 12 4.57 -0.16 1.07
CA ALA A 12 3.75 -1.28 1.63
C ALA A 12 2.75 -0.78 2.69
N VAL A 13 3.03 0.32 3.36
CA VAL A 13 2.09 0.85 4.40
C VAL A 13 0.80 1.39 3.73
N PHE A 14 0.90 2.01 2.58
CA PHE A 14 -0.32 2.54 1.90
C PHE A 14 -0.69 1.65 0.70
N VAL A 15 0.25 1.41 -0.18
CA VAL A 15 -0.01 0.54 -1.38
C VAL A 15 -0.38 -0.87 -0.93
N GLY A 16 0.37 -1.44 -0.01
CA GLY A 16 0.08 -2.81 0.50
C GLY A 16 -1.31 -2.84 1.13
N LEU A 17 -1.67 -1.80 1.87
CA LEU A 17 -3.02 -1.73 2.53
C LEU A 17 -4.13 -1.71 1.46
N VAL A 18 -3.95 -0.94 0.40
CA VAL A 18 -4.99 -0.88 -0.68
C VAL A 18 -5.15 -2.28 -1.31
N LEU A 19 -4.06 -2.99 -1.52
CA LEU A 19 -4.14 -4.36 -2.13
C LEU A 19 -4.80 -5.34 -1.15
N LEU A 20 -4.65 -5.14 0.14
CA LEU A 20 -5.28 -6.08 1.13
C LEU A 20 -6.79 -5.81 1.26
N THR A 21 -7.22 -4.58 1.09
CA THR A 21 -8.68 -4.24 1.21
C THR A 21 -9.50 -4.91 0.09
N LEU A 22 -9.00 -4.95 -1.13
CA LEU A 22 -9.77 -5.60 -2.25
C LEU A 22 -9.10 -6.89 -2.75
N SER A 23 -7.89 -7.21 -2.29
CA SER A 23 -7.16 -8.44 -2.72
C SER A 23 -6.73 -8.36 -4.20
N PRO A 24 -5.79 -9.21 -4.58
CA PRO A 24 -5.29 -9.23 -5.98
C PRO A 24 -6.27 -10.00 -6.89
N HIS A 25 -7.45 -9.44 -7.11
CA HIS A 25 -8.49 -10.08 -7.97
C HIS A 25 -8.83 -11.49 -7.45
N TYR A 26 -9.09 -11.62 -6.16
CA TYR A 26 -9.43 -12.95 -5.57
C TYR A 26 -10.95 -13.12 -5.48
N LYS A 27 -11.63 -12.15 -4.91
CA LYS A 27 -13.12 -12.24 -4.78
C LYS A 27 -13.77 -10.89 -5.11
N MET A 1 10.01 24.03 -4.58
CA MET A 1 9.22 22.79 -4.89
C MET A 1 10.09 21.54 -4.63
N ASP A 2 9.57 20.59 -3.89
CA ASP A 2 10.35 19.34 -3.61
C ASP A 2 9.40 18.15 -3.39
N ARG A 3 9.93 16.96 -3.28
CA ARG A 3 9.07 15.75 -3.07
C ARG A 3 9.19 15.24 -1.62
N GLU A 4 9.37 16.13 -0.66
CA GLU A 4 9.48 15.71 0.78
C GLU A 4 8.23 14.91 1.20
N MET A 5 7.07 15.34 0.75
CA MET A 5 5.79 14.64 1.09
C MET A 5 4.79 14.82 -0.06
N ALA A 6 5.26 14.79 -1.28
CA ALA A 6 4.35 14.95 -2.47
C ALA A 6 3.77 13.59 -2.86
N ALA A 7 4.62 12.60 -3.07
CA ALA A 7 4.14 11.23 -3.44
C ALA A 7 5.21 10.19 -3.10
N SER A 8 4.90 9.28 -2.21
CA SER A 8 5.89 8.22 -1.82
C SER A 8 5.25 6.82 -1.92
N ALA A 9 4.42 6.61 -2.93
CA ALA A 9 3.74 5.28 -3.12
C ALA A 9 3.06 4.83 -1.82
N GLY A 10 2.08 5.59 -1.36
CA GLY A 10 1.36 5.25 -0.09
C GLY A 10 2.35 5.12 1.07
N GLY A 11 3.43 5.86 1.04
CA GLY A 11 4.44 5.78 2.14
C GLY A 11 4.99 4.36 2.25
N ALA A 12 5.01 3.60 1.15
CA ALA A 12 5.52 2.18 1.17
C ALA A 12 4.79 1.35 2.25
N VAL A 13 3.58 1.75 2.58
CA VAL A 13 2.76 1.03 3.61
C VAL A 13 1.32 0.99 3.09
N PHE A 14 0.76 2.14 2.82
CA PHE A 14 -0.64 2.22 2.30
C PHE A 14 -0.79 1.39 1.02
N VAL A 15 0.26 1.29 0.22
CA VAL A 15 0.19 0.47 -1.04
C VAL A 15 -0.23 -0.96 -0.69
N GLY A 16 0.35 -1.53 0.35
CA GLY A 16 -0.02 -2.93 0.77
C GLY A 16 -1.45 -2.92 1.34
N LEU A 17 -1.83 -1.87 2.04
CA LEU A 17 -3.21 -1.78 2.63
C LEU A 17 -4.26 -1.77 1.51
N VAL A 18 -4.04 -1.00 0.47
CA VAL A 18 -5.01 -0.93 -0.68
C VAL A 18 -5.15 -2.32 -1.31
N LEU A 19 -4.04 -3.02 -1.47
CA LEU A 19 -4.07 -4.39 -2.07
C LEU A 19 -4.84 -5.34 -1.14
N LEU A 20 -4.73 -5.16 0.16
CA LEU A 20 -5.44 -6.03 1.15
C LEU A 20 -6.96 -5.80 1.05
N THR A 21 -7.39 -4.57 1.00
CA THR A 21 -8.87 -4.27 0.90
C THR A 21 -9.44 -4.73 -0.45
N LEU A 22 -8.60 -4.86 -1.48
CA LEU A 22 -9.10 -5.30 -2.81
C LEU A 22 -9.67 -6.72 -2.74
N SER A 23 -8.92 -7.67 -2.24
CA SER A 23 -9.42 -9.08 -2.13
C SER A 23 -8.73 -9.82 -0.97
N PRO A 24 -9.19 -9.54 0.24
CA PRO A 24 -8.61 -10.20 1.45
C PRO A 24 -9.20 -11.61 1.62
N HIS A 25 -8.79 -12.52 0.76
CA HIS A 25 -9.28 -13.95 0.82
C HIS A 25 -10.82 -13.99 0.77
N TYR A 26 -11.40 -13.57 -0.33
CA TYR A 26 -12.89 -13.58 -0.48
C TYR A 26 -13.38 -14.95 -0.97
N LYS A 27 -12.64 -15.57 -1.86
CA LYS A 27 -13.05 -16.91 -2.39
C LYS A 27 -12.50 -18.04 -1.50
N MET A 1 13.03 14.97 4.46
CA MET A 1 13.84 14.79 3.21
C MET A 1 13.24 13.64 2.37
N ASP A 2 13.26 13.77 1.06
CA ASP A 2 12.70 12.71 0.16
C ASP A 2 13.41 11.36 0.38
N ARG A 3 14.73 11.36 0.34
CA ARG A 3 15.50 10.08 0.54
C ARG A 3 15.45 9.64 2.01
N GLU A 4 15.43 10.57 2.93
CA GLU A 4 15.38 10.23 4.39
C GLU A 4 14.19 9.28 4.66
N MET A 5 13.00 9.68 4.27
CA MET A 5 11.80 8.81 4.49
C MET A 5 11.66 7.81 3.32
N ALA A 6 12.06 8.19 2.12
CA ALA A 6 11.98 7.29 0.91
C ALA A 6 10.56 6.72 0.69
N ALA A 7 9.53 7.46 1.07
CA ALA A 7 8.10 7.00 0.90
C ALA A 7 7.85 5.59 1.47
N SER A 8 8.42 5.29 2.61
CA SER A 8 8.22 3.94 3.25
C SER A 8 6.92 3.90 4.07
N ALA A 9 6.81 4.76 5.06
CA ALA A 9 5.56 4.79 5.90
C ALA A 9 4.42 5.45 5.11
N GLY A 10 4.64 6.64 4.60
CA GLY A 10 3.58 7.35 3.83
C GLY A 10 3.72 7.00 2.34
N GLY A 11 3.38 5.79 1.96
CA GLY A 11 3.49 5.39 0.52
C GLY A 11 3.48 3.86 0.39
N ALA A 12 4.59 3.22 0.67
CA ALA A 12 4.68 1.73 0.57
C ALA A 12 3.66 1.04 1.49
N VAL A 13 3.59 1.43 2.74
CA VAL A 13 2.62 0.81 3.70
C VAL A 13 1.18 1.02 3.18
N PHE A 14 0.90 2.18 2.63
CA PHE A 14 -0.47 2.47 2.09
C PHE A 14 -0.76 1.56 0.89
N VAL A 15 0.22 1.35 0.03
CA VAL A 15 -0.01 0.47 -1.18
C VAL A 15 -0.34 -0.96 -0.72
N GLY A 16 0.32 -1.44 0.32
CA GLY A 16 0.06 -2.81 0.83
C GLY A 16 -1.36 -2.90 1.40
N LEU A 17 -1.80 -1.88 2.12
CA LEU A 17 -3.18 -1.88 2.70
C LEU A 17 -4.23 -1.82 1.58
N VAL A 18 -4.02 -0.99 0.59
CA VAL A 18 -5.00 -0.88 -0.54
C VAL A 18 -5.14 -2.26 -1.22
N LEU A 19 -4.06 -2.98 -1.37
CA LEU A 19 -4.10 -4.34 -2.00
C LEU A 19 -4.89 -5.30 -1.09
N LEU A 20 -4.72 -5.20 0.21
CA LEU A 20 -5.45 -6.09 1.17
C LEU A 20 -6.96 -5.87 1.01
N THR A 21 -7.40 -4.63 0.93
CA THR A 21 -8.86 -4.33 0.77
C THR A 21 -9.34 -4.77 -0.63
N LEU A 22 -8.49 -4.63 -1.63
CA LEU A 22 -8.87 -5.04 -3.02
C LEU A 22 -9.23 -6.54 -3.05
N SER A 23 -8.49 -7.36 -2.33
CA SER A 23 -8.79 -8.82 -2.30
C SER A 23 -9.93 -9.09 -1.30
N PRO A 24 -10.78 -10.04 -1.62
CA PRO A 24 -11.92 -10.38 -0.72
C PRO A 24 -11.41 -11.09 0.55
N HIS A 25 -11.06 -10.32 1.56
CA HIS A 25 -10.54 -10.92 2.84
C HIS A 25 -10.91 -10.01 4.03
N TYR A 26 -12.18 -9.81 4.26
CA TYR A 26 -12.64 -8.95 5.41
C TYR A 26 -13.75 -9.65 6.19
N LYS A 27 -13.62 -9.72 7.50
CA LYS A 27 -14.67 -10.39 8.34
C LYS A 27 -15.82 -9.42 8.68
N MET A 1 7.70 16.73 -5.62
CA MET A 1 7.62 15.55 -4.68
C MET A 1 6.42 15.71 -3.73
N ASP A 2 5.95 14.61 -3.18
CA ASP A 2 4.79 14.60 -2.22
C ASP A 2 3.51 15.13 -2.89
N ARG A 3 2.57 14.26 -3.16
CA ARG A 3 1.29 14.71 -3.81
C ARG A 3 0.10 14.50 -2.87
N GLU A 4 -0.25 15.50 -2.09
CA GLU A 4 -1.41 15.41 -1.14
C GLU A 4 -1.36 14.10 -0.34
N MET A 5 -0.21 13.81 0.24
CA MET A 5 -0.02 12.56 1.05
C MET A 5 -0.25 11.30 0.18
N ALA A 6 0.18 11.32 -1.07
CA ALA A 6 0.00 10.15 -1.97
C ALA A 6 0.89 8.98 -1.52
N ALA A 7 2.12 9.24 -1.15
CA ALA A 7 3.05 8.16 -0.69
C ALA A 7 4.29 8.75 -0.01
N SER A 8 4.17 9.13 1.23
CA SER A 8 5.32 9.72 1.98
C SER A 8 5.48 9.02 3.33
N ALA A 9 6.64 8.43 3.56
CA ALA A 9 6.92 7.69 4.84
C ALA A 9 6.04 6.44 4.92
N GLY A 10 4.75 6.61 5.11
CA GLY A 10 3.82 5.45 5.19
C GLY A 10 3.15 5.22 3.82
N GLY A 11 3.70 5.77 2.74
CA GLY A 11 3.09 5.57 1.39
C GLY A 11 3.19 4.09 0.99
N ALA A 12 4.36 3.52 1.10
CA ALA A 12 4.54 2.07 0.74
C ALA A 12 3.58 1.20 1.59
N VAL A 13 3.44 1.51 2.86
CA VAL A 13 2.52 0.73 3.75
C VAL A 13 1.08 0.87 3.21
N PHE A 14 0.71 2.06 2.79
CA PHE A 14 -0.67 2.29 2.25
C PHE A 14 -0.87 1.47 0.97
N VAL A 15 0.14 1.37 0.12
CA VAL A 15 0.01 0.57 -1.15
C VAL A 15 -0.34 -0.89 -0.77
N GLY A 16 0.32 -1.42 0.23
CA GLY A 16 0.04 -2.82 0.68
C GLY A 16 -1.38 -2.89 1.25
N LEU A 17 -1.80 -1.85 1.96
CA LEU A 17 -3.18 -1.83 2.56
C LEU A 17 -4.22 -1.81 1.43
N VAL A 18 -4.00 -1.04 0.39
CA VAL A 18 -4.96 -0.98 -0.75
C VAL A 18 -5.11 -2.39 -1.36
N LEU A 19 -4.02 -3.11 -1.47
CA LEU A 19 -4.05 -4.49 -2.04
C LEU A 19 -4.87 -5.41 -1.10
N LEU A 20 -4.65 -5.28 0.19
CA LEU A 20 -5.41 -6.12 1.18
C LEU A 20 -6.89 -5.70 1.20
N THR A 21 -7.17 -4.43 1.01
CA THR A 21 -8.59 -3.94 1.00
C THR A 21 -9.30 -4.49 -0.25
N LEU A 22 -8.61 -4.55 -1.38
CA LEU A 22 -9.22 -5.07 -2.65
C LEU A 22 -9.68 -6.53 -2.44
N SER A 23 -8.85 -7.35 -1.84
CA SER A 23 -9.23 -8.77 -1.60
C SER A 23 -10.24 -8.86 -0.44
N PRO A 24 -10.98 -9.95 -0.38
CA PRO A 24 -11.99 -10.13 0.70
C PRO A 24 -11.34 -10.45 2.06
N HIS A 25 -10.47 -9.58 2.52
CA HIS A 25 -9.77 -9.77 3.83
C HIS A 25 -9.74 -8.45 4.62
N TYR A 26 -10.66 -7.55 4.34
CA TYR A 26 -10.70 -6.24 5.06
C TYR A 26 -12.10 -5.98 5.64
N LYS A 27 -12.21 -4.98 6.48
CA LYS A 27 -13.54 -4.63 7.10
C LYS A 27 -14.13 -3.35 6.49
N MET A 1 5.98 9.14 -12.98
CA MET A 1 5.85 8.84 -14.43
C MET A 1 6.11 7.34 -14.70
N ASP A 2 5.71 6.87 -15.87
CA ASP A 2 5.93 5.44 -16.27
C ASP A 2 5.44 4.45 -15.19
N ARG A 3 4.30 4.74 -14.58
CA ARG A 3 3.72 3.86 -13.51
C ARG A 3 4.68 3.66 -12.32
N GLU A 4 5.66 4.53 -12.15
CA GLU A 4 6.62 4.39 -10.99
C GLU A 4 6.05 5.15 -9.78
N MET A 5 5.74 6.41 -9.96
CA MET A 5 5.17 7.23 -8.83
C MET A 5 3.64 7.10 -8.77
N ALA A 6 3.05 6.16 -9.49
CA ALA A 6 1.57 5.98 -9.46
C ALA A 6 1.19 4.96 -8.38
N ALA A 7 1.85 3.84 -8.33
CA ALA A 7 1.54 2.79 -7.31
C ALA A 7 2.51 2.87 -6.12
N SER A 8 3.71 3.38 -6.32
CA SER A 8 4.70 3.48 -5.19
C SER A 8 4.51 4.77 -4.36
N ALA A 9 3.35 5.38 -4.38
CA ALA A 9 3.13 6.63 -3.58
C ALA A 9 2.40 6.36 -2.26
N GLY A 10 2.43 5.13 -1.77
CA GLY A 10 1.75 4.80 -0.48
C GLY A 10 2.76 4.61 0.67
N GLY A 11 3.96 5.12 0.53
CA GLY A 11 4.99 4.98 1.61
C GLY A 11 5.27 3.51 1.94
N ALA A 12 5.11 2.60 1.00
CA ALA A 12 5.35 1.12 1.23
C ALA A 12 4.43 0.56 2.34
N VAL A 13 3.40 1.30 2.73
CA VAL A 13 2.45 0.83 3.78
C VAL A 13 1.03 0.95 3.21
N PHE A 14 0.68 2.14 2.77
CA PHE A 14 -0.66 2.39 2.17
C PHE A 14 -0.83 1.50 0.92
N VAL A 15 0.21 1.31 0.15
CA VAL A 15 0.14 0.44 -1.07
C VAL A 15 -0.27 -0.99 -0.67
N GLY A 16 0.35 -1.52 0.35
CA GLY A 16 0.02 -2.90 0.83
C GLY A 16 -1.43 -2.96 1.32
N LEU A 17 -1.89 -1.93 2.01
CA LEU A 17 -3.30 -1.92 2.53
C LEU A 17 -4.30 -1.82 1.37
N VAL A 18 -4.02 -1.01 0.36
CA VAL A 18 -4.96 -0.88 -0.80
C VAL A 18 -5.14 -2.27 -1.44
N LEU A 19 -4.05 -3.00 -1.59
CA LEU A 19 -4.12 -4.37 -2.19
C LEU A 19 -4.83 -5.32 -1.21
N LEU A 20 -4.60 -5.13 0.07
CA LEU A 20 -5.24 -6.00 1.12
C LEU A 20 -6.75 -5.73 1.20
N THR A 21 -7.15 -4.47 1.13
CA THR A 21 -8.61 -4.14 1.20
C THR A 21 -9.34 -4.54 -0.11
N LEU A 22 -8.64 -4.78 -1.19
CA LEU A 22 -9.31 -5.17 -2.47
C LEU A 22 -9.76 -6.65 -2.45
N SER A 23 -9.26 -7.46 -1.52
CA SER A 23 -9.65 -8.90 -1.43
C SER A 23 -9.37 -9.63 -2.76
N PRO A 24 -8.09 -9.81 -3.05
CA PRO A 24 -7.68 -10.51 -4.30
C PRO A 24 -8.05 -11.99 -4.23
N HIS A 25 -9.06 -12.39 -4.96
CA HIS A 25 -9.51 -13.83 -4.93
C HIS A 25 -9.55 -14.42 -6.35
N TYR A 26 -10.05 -13.69 -7.33
CA TYR A 26 -10.14 -14.18 -8.74
C TYR A 26 -10.94 -15.50 -8.80
N LYS A 27 -12.21 -15.43 -8.44
CA LYS A 27 -13.08 -16.65 -8.46
C LYS A 27 -14.37 -16.39 -9.25
N MET A 1 -4.59 8.90 10.82
CA MET A 1 -5.38 9.25 9.59
C MET A 1 -5.49 10.77 9.44
N ASP A 2 -4.46 11.40 8.94
CA ASP A 2 -4.47 12.88 8.76
C ASP A 2 -3.44 13.28 7.66
N ARG A 3 -2.19 13.50 8.01
CA ARG A 3 -1.17 13.88 6.98
C ARG A 3 -0.66 12.62 6.25
N GLU A 4 -0.61 11.50 6.95
CA GLU A 4 -0.14 10.20 6.34
C GLU A 4 -0.92 9.85 5.06
N MET A 5 -2.16 10.27 4.93
CA MET A 5 -2.95 9.95 3.69
C MET A 5 -2.31 10.60 2.46
N ALA A 6 -1.75 11.78 2.63
CA ALA A 6 -1.08 12.48 1.48
C ALA A 6 0.24 11.78 1.17
N ALA A 7 0.97 11.38 2.20
CA ALA A 7 2.27 10.67 1.99
C ALA A 7 2.04 9.17 1.73
N SER A 8 0.82 8.68 1.87
CA SER A 8 0.49 7.24 1.64
C SER A 8 1.34 6.34 2.55
N ALA A 9 1.26 6.54 3.85
CA ALA A 9 2.03 5.73 4.85
C ALA A 9 3.47 5.45 4.38
N GLY A 10 4.23 6.49 4.17
CA GLY A 10 5.65 6.33 3.71
C GLY A 10 5.69 5.92 2.22
N GLY A 11 4.64 6.18 1.48
CA GLY A 11 4.59 5.83 0.03
C GLY A 11 4.84 4.32 -0.16
N ALA A 12 4.34 3.50 0.74
CA ALA A 12 4.54 2.02 0.61
C ALA A 12 3.53 1.27 1.49
N VAL A 13 3.55 1.51 2.79
CA VAL A 13 2.59 0.82 3.72
C VAL A 13 1.14 1.03 3.26
N PHE A 14 0.84 2.15 2.64
CA PHE A 14 -0.55 2.42 2.14
C PHE A 14 -0.85 1.52 0.94
N VAL A 15 0.10 1.37 0.04
CA VAL A 15 -0.10 0.50 -1.17
C VAL A 15 -0.42 -0.93 -0.72
N GLY A 16 0.31 -1.43 0.26
CA GLY A 16 0.06 -2.82 0.77
C GLY A 16 -1.36 -2.90 1.37
N LEU A 17 -1.79 -1.88 2.07
CA LEU A 17 -3.16 -1.88 2.68
C LEU A 17 -4.23 -1.87 1.57
N VAL A 18 -4.04 -1.10 0.52
CA VAL A 18 -5.03 -1.05 -0.60
C VAL A 18 -5.12 -2.44 -1.24
N LEU A 19 -3.99 -3.10 -1.41
CA LEU A 19 -3.99 -4.47 -2.03
C LEU A 19 -4.82 -5.43 -1.17
N LEU A 20 -4.70 -5.31 0.14
CA LEU A 20 -5.48 -6.19 1.07
C LEU A 20 -6.97 -5.81 1.00
N THR A 21 -7.26 -4.53 1.01
CA THR A 21 -8.68 -4.05 0.95
C THR A 21 -9.27 -4.19 -0.47
N LEU A 22 -8.46 -4.46 -1.48
CA LEU A 22 -8.99 -4.61 -2.86
C LEU A 22 -9.10 -6.11 -3.24
N SER A 23 -9.67 -6.91 -2.37
CA SER A 23 -9.83 -8.39 -2.62
C SER A 23 -8.47 -9.11 -2.77
N PRO A 24 -8.03 -9.76 -1.72
CA PRO A 24 -6.74 -10.50 -1.74
C PRO A 24 -6.86 -11.78 -2.58
N HIS A 25 -5.79 -12.54 -2.70
CA HIS A 25 -5.83 -13.80 -3.50
C HIS A 25 -4.96 -14.90 -2.89
N TYR A 26 -4.98 -15.04 -1.58
CA TYR A 26 -4.17 -16.10 -0.90
C TYR A 26 -4.92 -17.43 -0.95
N LYS A 27 -4.38 -18.41 -1.65
CA LYS A 27 -5.07 -19.74 -1.76
C LYS A 27 -4.06 -20.81 -2.21
N MET A 1 2.66 8.67 19.49
CA MET A 1 2.41 9.55 18.30
C MET A 1 1.50 8.82 17.30
N ASP A 2 0.28 9.27 17.17
CA ASP A 2 -0.69 8.64 16.23
C ASP A 2 -0.33 8.99 14.77
N ARG A 3 -0.87 8.27 13.82
CA ARG A 3 -0.56 8.54 12.38
C ARG A 3 -1.64 7.89 11.48
N GLU A 4 -1.36 6.77 10.84
CA GLU A 4 -2.37 6.09 9.95
C GLU A 4 -2.76 6.99 8.75
N MET A 5 -1.84 7.80 8.27
CA MET A 5 -2.13 8.70 7.11
C MET A 5 -0.83 9.32 6.55
N ALA A 6 0.04 9.83 7.41
CA ALA A 6 1.31 10.44 6.93
C ALA A 6 2.43 9.39 6.89
N ALA A 7 2.66 8.69 7.98
CA ALA A 7 3.73 7.64 8.02
C ALA A 7 3.39 6.49 7.06
N SER A 8 2.12 6.18 6.88
CA SER A 8 1.72 5.08 5.95
C SER A 8 1.83 5.52 4.49
N ALA A 9 1.84 6.80 4.20
CA ALA A 9 1.96 7.27 2.79
C ALA A 9 3.42 7.19 2.30
N GLY A 10 4.08 6.08 2.53
CA GLY A 10 5.49 5.91 2.08
C GLY A 10 5.56 5.10 0.79
N GLY A 11 4.44 4.66 0.24
CA GLY A 11 4.48 3.86 -1.03
C GLY A 11 4.53 2.35 -0.75
N ALA A 12 4.66 1.93 0.50
CA ALA A 12 4.70 0.47 0.82
C ALA A 12 3.57 0.14 1.80
N VAL A 13 3.47 0.92 2.87
CA VAL A 13 2.39 0.69 3.89
C VAL A 13 1.03 0.97 3.26
N PHE A 14 0.85 2.13 2.65
CA PHE A 14 -0.46 2.48 2.02
C PHE A 14 -0.74 1.55 0.82
N VAL A 15 0.24 1.38 -0.04
CA VAL A 15 0.05 0.48 -1.24
C VAL A 15 -0.30 -0.95 -0.78
N GLY A 16 0.31 -1.42 0.28
CA GLY A 16 0.01 -2.78 0.80
C GLY A 16 -1.43 -2.84 1.35
N LEU A 17 -1.83 -1.82 2.08
CA LEU A 17 -3.23 -1.78 2.64
C LEU A 17 -4.28 -1.73 1.52
N VAL A 18 -4.05 -0.94 0.49
CA VAL A 18 -5.04 -0.86 -0.65
C VAL A 18 -5.17 -2.25 -1.29
N LEU A 19 -4.06 -2.94 -1.47
CA LEU A 19 -4.10 -4.31 -2.07
C LEU A 19 -4.83 -5.26 -1.11
N LEU A 20 -4.60 -5.10 0.18
CA LEU A 20 -5.26 -5.94 1.22
C LEU A 20 -6.79 -5.82 1.09
N THR A 21 -7.30 -4.61 1.08
CA THR A 21 -8.78 -4.38 0.95
C THR A 21 -9.29 -4.94 -0.39
N LEU A 22 -8.48 -4.86 -1.43
CA LEU A 22 -8.89 -5.40 -2.78
C LEU A 22 -9.08 -6.92 -2.70
N SER A 23 -8.24 -7.60 -1.97
CA SER A 23 -8.35 -9.08 -1.83
C SER A 23 -9.55 -9.43 -0.93
N PRO A 24 -10.05 -10.64 -1.07
CA PRO A 24 -11.22 -11.10 -0.26
C PRO A 24 -10.83 -11.29 1.22
N HIS A 25 -11.02 -10.28 2.02
CA HIS A 25 -10.67 -10.35 3.49
C HIS A 25 -11.44 -11.51 4.16
N TYR A 26 -12.70 -11.69 3.85
CA TYR A 26 -13.50 -12.79 4.46
C TYR A 26 -13.53 -14.00 3.50
N LYS A 27 -12.82 -15.05 3.85
CA LYS A 27 -12.78 -16.27 2.99
C LYS A 27 -12.68 -17.54 3.84
N MET A 1 0.31 12.73 13.74
CA MET A 1 1.01 14.04 13.98
C MET A 1 2.01 14.31 12.85
N ASP A 2 2.70 15.44 12.92
CA ASP A 2 3.71 15.86 11.89
C ASP A 2 3.09 16.06 10.50
N ARG A 3 3.86 16.60 9.58
CA ARG A 3 3.37 16.85 8.19
C ARG A 3 4.44 16.40 7.19
N GLU A 4 5.66 16.88 7.34
CA GLU A 4 6.77 16.49 6.40
C GLU A 4 7.09 15.01 6.58
N MET A 5 7.00 14.50 7.79
CA MET A 5 7.31 13.04 8.03
C MET A 5 6.00 12.21 8.09
N ALA A 6 4.90 12.76 7.64
CA ALA A 6 3.59 12.00 7.66
C ALA A 6 3.17 11.54 6.25
N ALA A 7 3.91 11.88 5.22
CA ALA A 7 3.53 11.43 3.84
C ALA A 7 4.36 10.21 3.42
N SER A 8 5.67 10.27 3.62
CA SER A 8 6.56 9.12 3.25
C SER A 8 6.26 7.89 4.12
N ALA A 9 5.79 8.06 5.33
CA ALA A 9 5.49 6.88 6.22
C ALA A 9 4.30 6.08 5.66
N GLY A 10 3.25 6.75 5.23
CA GLY A 10 2.08 6.03 4.68
C GLY A 10 2.21 5.90 3.15
N GLY A 11 3.34 5.45 2.67
CA GLY A 11 3.55 5.29 1.20
C GLY A 11 3.49 3.80 0.87
N ALA A 12 4.56 3.08 1.16
CA ALA A 12 4.57 1.60 0.88
C ALA A 12 3.51 0.90 1.74
N VAL A 13 3.39 1.27 2.99
CA VAL A 13 2.35 0.65 3.88
C VAL A 13 0.95 0.87 3.28
N PHE A 14 0.70 2.04 2.76
CA PHE A 14 -0.64 2.34 2.14
C PHE A 14 -0.84 1.48 0.88
N VAL A 15 0.19 1.32 0.07
CA VAL A 15 0.08 0.49 -1.17
C VAL A 15 -0.36 -0.94 -0.79
N GLY A 16 0.22 -1.49 0.25
CA GLY A 16 -0.15 -2.87 0.69
C GLY A 16 -1.59 -2.86 1.23
N LEU A 17 -1.95 -1.83 1.98
CA LEU A 17 -3.33 -1.73 2.54
C LEU A 17 -4.36 -1.69 1.41
N VAL A 18 -4.07 -1.01 0.32
CA VAL A 18 -5.04 -0.96 -0.82
C VAL A 18 -5.19 -2.36 -1.44
N LEU A 19 -4.08 -3.08 -1.57
CA LEU A 19 -4.14 -4.46 -2.15
C LEU A 19 -4.82 -5.40 -1.15
N LEU A 20 -4.50 -5.28 0.12
CA LEU A 20 -5.12 -6.16 1.16
C LEU A 20 -6.62 -5.82 1.30
N THR A 21 -6.96 -4.55 1.15
CA THR A 21 -8.38 -4.12 1.26
C THR A 21 -8.95 -3.86 -0.15
N LEU A 22 -8.53 -4.63 -1.13
CA LEU A 22 -9.03 -4.45 -2.53
C LEU A 22 -10.41 -5.12 -2.73
N SER A 23 -10.74 -6.12 -1.93
CA SER A 23 -12.06 -6.85 -2.04
C SER A 23 -12.12 -7.70 -3.32
N PRO A 24 -13.03 -8.66 -3.33
CA PRO A 24 -13.19 -9.55 -4.51
C PRO A 24 -13.87 -8.82 -5.67
N HIS A 25 -14.19 -9.54 -6.73
CA HIS A 25 -14.87 -8.94 -7.94
C HIS A 25 -13.98 -7.85 -8.57
N TYR A 26 -12.77 -8.21 -8.95
CA TYR A 26 -11.84 -7.22 -9.57
C TYR A 26 -11.16 -7.82 -10.81
N LYS A 27 -11.18 -7.11 -11.92
CA LYS A 27 -10.55 -7.60 -13.17
C LYS A 27 -10.31 -6.44 -14.15
N MET A 1 2.61 9.35 -13.20
CA MET A 1 1.32 10.11 -13.09
C MET A 1 0.35 9.41 -12.12
N ASP A 2 -0.85 9.93 -11.99
CA ASP A 2 -1.89 9.34 -11.07
C ASP A 2 -1.38 9.20 -9.63
N ARG A 3 -0.68 10.20 -9.14
CA ARG A 3 -0.15 10.15 -7.75
C ARG A 3 -0.90 11.14 -6.85
N GLU A 4 -1.62 10.62 -5.88
CA GLU A 4 -2.40 11.50 -4.94
C GLU A 4 -2.40 10.86 -3.54
N MET A 5 -3.19 9.83 -3.31
CA MET A 5 -3.22 9.18 -1.97
C MET A 5 -2.99 7.66 -2.11
N ALA A 6 -1.98 7.29 -2.85
CA ALA A 6 -1.66 5.83 -3.04
C ALA A 6 -0.47 5.42 -2.16
N ALA A 7 0.51 6.27 -1.99
CA ALA A 7 1.70 5.93 -1.15
C ALA A 7 2.00 7.08 -0.18
N SER A 8 1.13 7.31 0.77
CA SER A 8 1.35 8.41 1.76
C SER A 8 1.78 7.88 3.15
N ALA A 9 1.62 6.60 3.41
CA ALA A 9 2.03 6.04 4.74
C ALA A 9 3.45 5.46 4.61
N GLY A 10 4.38 6.28 4.18
CA GLY A 10 5.79 5.84 4.00
C GLY A 10 6.02 5.42 2.53
N GLY A 11 5.11 5.76 1.63
CA GLY A 11 5.26 5.39 0.19
C GLY A 11 5.39 3.87 0.07
N ALA A 12 4.66 3.12 0.87
CA ALA A 12 4.72 1.63 0.81
C ALA A 12 3.59 1.01 1.64
N VAL A 13 3.55 1.28 2.93
CA VAL A 13 2.46 0.70 3.82
C VAL A 13 1.07 1.01 3.22
N PHE A 14 0.91 2.18 2.65
CA PHE A 14 -0.40 2.58 2.03
C PHE A 14 -0.74 1.62 0.87
N VAL A 15 0.20 1.40 -0.03
CA VAL A 15 -0.04 0.50 -1.20
C VAL A 15 -0.38 -0.92 -0.72
N GLY A 16 0.33 -1.45 0.26
CA GLY A 16 0.04 -2.81 0.79
C GLY A 16 -1.38 -2.87 1.37
N LEU A 17 -1.78 -1.83 2.08
CA LEU A 17 -3.16 -1.78 2.69
C LEU A 17 -4.22 -1.79 1.58
N VAL A 18 -4.02 -1.02 0.53
CA VAL A 18 -5.02 -0.96 -0.60
C VAL A 18 -5.13 -2.35 -1.25
N LEU A 19 -4.01 -3.02 -1.46
CA LEU A 19 -4.04 -4.39 -2.08
C LEU A 19 -4.80 -5.38 -1.18
N LEU A 20 -4.71 -5.21 0.13
CA LEU A 20 -5.42 -6.11 1.09
C LEU A 20 -6.94 -5.87 1.02
N THR A 21 -7.35 -4.61 1.04
CA THR A 21 -8.81 -4.27 0.98
C THR A 21 -9.39 -4.64 -0.40
N LEU A 22 -8.60 -4.60 -1.45
CA LEU A 22 -9.12 -4.94 -2.82
C LEU A 22 -9.52 -6.42 -2.89
N SER A 23 -8.58 -7.31 -2.69
CA SER A 23 -8.90 -8.78 -2.74
C SER A 23 -7.79 -9.58 -2.01
N PRO A 24 -8.13 -10.14 -0.87
CA PRO A 24 -7.13 -10.93 -0.08
C PRO A 24 -6.79 -12.23 -0.81
N HIS A 25 -5.55 -12.66 -0.71
CA HIS A 25 -5.13 -13.93 -1.39
C HIS A 25 -4.91 -15.05 -0.36
N TYR A 26 -5.85 -15.24 0.53
CA TYR A 26 -5.71 -16.31 1.57
C TYR A 26 -6.27 -17.64 1.02
N LYS A 27 -5.64 -18.74 1.38
CA LYS A 27 -6.10 -20.08 0.90
C LYS A 27 -6.23 -21.05 2.09
N MET A 1 -6.49 8.44 10.78
CA MET A 1 -5.32 8.68 9.87
C MET A 1 -5.37 10.11 9.33
N ASP A 2 -4.48 10.95 9.81
CA ASP A 2 -4.44 12.38 9.34
C ASP A 2 -3.49 12.53 8.13
N ARG A 3 -2.43 11.75 8.07
CA ARG A 3 -1.49 11.87 6.91
C ARG A 3 -1.73 10.71 5.93
N GLU A 4 -2.98 10.36 5.69
CA GLU A 4 -3.33 9.25 4.74
C GLU A 4 -2.86 9.62 3.32
N MET A 5 -2.96 10.87 2.95
CA MET A 5 -2.52 11.31 1.60
C MET A 5 -1.26 12.21 1.72
N ALA A 6 -0.49 12.05 2.77
CA ALA A 6 0.74 12.88 2.94
C ALA A 6 1.97 12.15 2.36
N ALA A 7 2.24 10.95 2.80
CA ALA A 7 3.42 10.19 2.28
C ALA A 7 3.10 8.69 2.03
N SER A 8 1.84 8.32 1.94
CA SER A 8 1.44 6.89 1.71
C SER A 8 2.16 5.92 2.68
N ALA A 9 2.31 6.33 3.92
CA ALA A 9 3.01 5.48 4.95
C ALA A 9 4.35 4.95 4.41
N GLY A 10 5.26 5.87 4.14
CA GLY A 10 6.60 5.49 3.60
C GLY A 10 6.49 5.13 2.10
N GLY A 11 5.45 5.58 1.42
CA GLY A 11 5.27 5.27 -0.03
C GLY A 11 5.35 3.75 -0.27
N ALA A 12 4.73 2.98 0.59
CA ALA A 12 4.75 1.49 0.44
C ALA A 12 3.67 0.85 1.33
N VAL A 13 3.67 1.15 2.61
CA VAL A 13 2.64 0.58 3.54
C VAL A 13 1.22 0.96 3.06
N PHE A 14 1.04 2.13 2.48
CA PHE A 14 -0.31 2.54 1.98
C PHE A 14 -0.76 1.57 0.88
N VAL A 15 0.07 1.33 -0.11
CA VAL A 15 -0.28 0.39 -1.22
C VAL A 15 -0.57 -1.01 -0.65
N GLY A 16 0.16 -1.43 0.36
CA GLY A 16 -0.06 -2.78 0.97
C GLY A 16 -1.47 -2.84 1.58
N LEU A 17 -1.90 -1.79 2.23
CA LEU A 17 -3.27 -1.76 2.85
C LEU A 17 -4.35 -1.74 1.76
N VAL A 18 -4.15 -0.95 0.73
CA VAL A 18 -5.16 -0.88 -0.40
C VAL A 18 -5.22 -2.25 -1.09
N LEU A 19 -4.08 -2.90 -1.25
CA LEU A 19 -4.05 -4.26 -1.89
C LEU A 19 -4.75 -5.27 -0.98
N LEU A 20 -4.60 -5.13 0.32
CA LEU A 20 -5.29 -6.07 1.26
C LEU A 20 -6.80 -5.93 1.04
N THR A 21 -7.25 -4.74 0.71
CA THR A 21 -8.71 -4.49 0.44
C THR A 21 -8.93 -4.48 -1.08
N LEU A 22 -8.12 -5.23 -1.82
CA LEU A 22 -8.22 -5.31 -3.31
C LEU A 22 -7.96 -3.95 -3.98
N SER A 23 -6.70 -3.66 -4.18
CA SER A 23 -6.30 -2.37 -4.82
C SER A 23 -6.64 -2.38 -6.33
N PRO A 24 -7.09 -1.25 -6.83
CA PRO A 24 -7.45 -1.13 -8.28
C PRO A 24 -6.18 -1.02 -9.13
N HIS A 25 -5.61 -2.15 -9.52
CA HIS A 25 -4.37 -2.12 -10.36
C HIS A 25 -4.74 -2.03 -11.85
N TYR A 26 -5.72 -2.77 -12.30
CA TYR A 26 -6.14 -2.72 -13.73
C TYR A 26 -7.56 -2.16 -13.85
N LYS A 27 -7.76 -0.94 -13.37
CA LYS A 27 -9.12 -0.30 -13.45
C LYS A 27 -9.03 1.08 -14.10
N MET A 1 -7.81 21.02 -8.93
CA MET A 1 -6.95 20.16 -8.04
C MET A 1 -7.63 18.79 -7.79
N ASP A 2 -6.83 17.75 -7.65
CA ASP A 2 -7.39 16.38 -7.40
C ASP A 2 -6.51 15.60 -6.41
N ARG A 3 -6.94 14.42 -6.01
CA ARG A 3 -6.14 13.60 -5.05
C ARG A 3 -5.62 12.32 -5.73
N GLU A 4 -4.41 12.36 -6.24
CA GLU A 4 -3.84 11.14 -6.92
C GLU A 4 -3.11 10.27 -5.88
N MET A 5 -2.12 10.81 -5.20
CA MET A 5 -1.38 10.01 -4.17
C MET A 5 -2.23 9.86 -2.89
N ALA A 6 -2.94 10.90 -2.49
CA ALA A 6 -3.81 10.86 -1.27
C ALA A 6 -3.07 10.27 -0.05
N ALA A 7 -1.82 10.66 0.15
CA ALA A 7 -0.99 10.15 1.29
C ALA A 7 -0.87 8.63 1.20
N SER A 8 0.12 8.15 0.51
CA SER A 8 0.32 6.67 0.35
C SER A 8 1.29 6.10 1.41
N ALA A 9 1.45 6.75 2.54
CA ALA A 9 2.37 6.27 3.62
C ALA A 9 3.70 5.77 3.04
N GLY A 10 4.49 6.68 2.52
CA GLY A 10 5.80 6.32 1.91
C GLY A 10 5.59 5.55 0.60
N GLY A 11 4.41 5.61 0.01
CA GLY A 11 4.13 4.89 -1.26
C GLY A 11 4.43 3.38 -1.11
N ALA A 12 4.20 2.85 0.07
CA ALA A 12 4.47 1.40 0.33
C ALA A 12 3.56 0.92 1.48
N VAL A 13 3.66 1.56 2.63
CA VAL A 13 2.80 1.16 3.80
C VAL A 13 1.32 1.25 3.41
N PHE A 14 0.95 2.23 2.60
CA PHE A 14 -0.48 2.36 2.18
C PHE A 14 -0.75 1.46 0.97
N VAL A 15 0.22 1.29 0.10
CA VAL A 15 0.04 0.42 -1.11
C VAL A 15 -0.33 -1.01 -0.68
N GLY A 16 0.32 -1.53 0.34
CA GLY A 16 0.01 -2.91 0.83
C GLY A 16 -1.44 -2.97 1.36
N LEU A 17 -1.85 -1.98 2.11
CA LEU A 17 -3.24 -1.96 2.67
C LEU A 17 -4.28 -1.84 1.53
N VAL A 18 -4.02 -1.03 0.53
CA VAL A 18 -4.99 -0.89 -0.61
C VAL A 18 -5.20 -2.27 -1.27
N LEU A 19 -4.13 -3.00 -1.50
CA LEU A 19 -4.23 -4.36 -2.12
C LEU A 19 -4.97 -5.30 -1.16
N LEU A 20 -4.72 -5.16 0.13
CA LEU A 20 -5.39 -6.02 1.15
C LEU A 20 -6.91 -5.82 1.09
N THR A 21 -7.36 -4.60 0.91
CA THR A 21 -8.83 -4.32 0.82
C THR A 21 -9.38 -4.78 -0.54
N LEU A 22 -8.57 -4.72 -1.57
CA LEU A 22 -9.01 -5.16 -2.94
C LEU A 22 -9.40 -6.65 -2.95
N SER A 23 -8.69 -7.48 -2.20
CA SER A 23 -9.03 -8.94 -2.18
C SER A 23 -9.25 -9.43 -0.73
N PRO A 24 -10.38 -9.06 -0.15
CA PRO A 24 -10.71 -9.47 1.23
C PRO A 24 -11.47 -10.81 1.24
N HIS A 25 -10.95 -11.83 0.60
CA HIS A 25 -11.63 -13.16 0.58
C HIS A 25 -10.67 -14.28 0.16
N TYR A 26 -9.83 -14.71 1.07
CA TYR A 26 -8.84 -15.81 0.80
C TYR A 26 -7.98 -15.47 -0.43
N LYS A 27 -7.14 -14.45 -0.31
CA LYS A 27 -6.24 -14.00 -1.42
C LYS A 27 -7.08 -13.52 -2.64
N MET A 1 6.75 14.59 -8.16
CA MET A 1 5.68 13.54 -8.23
C MET A 1 6.28 12.20 -8.70
N ASP A 2 7.11 11.59 -7.87
CA ASP A 2 7.74 10.28 -8.25
C ASP A 2 6.75 9.14 -8.07
N ARG A 3 6.64 8.27 -9.05
CA ARG A 3 5.70 7.11 -8.97
C ARG A 3 6.46 5.77 -8.83
N GLU A 4 7.77 5.76 -8.96
CA GLU A 4 8.55 4.50 -8.83
C GLU A 4 8.84 4.21 -7.35
N MET A 5 9.35 5.18 -6.63
CA MET A 5 9.65 4.98 -5.18
C MET A 5 8.34 4.96 -4.36
N ALA A 6 7.41 5.83 -4.69
CA ALA A 6 6.09 5.92 -3.97
C ALA A 6 6.27 6.02 -2.44
N ALA A 7 7.26 6.77 -1.99
CA ALA A 7 7.54 6.94 -0.52
C ALA A 7 7.66 5.58 0.18
N SER A 8 8.83 4.99 0.15
CA SER A 8 9.07 3.66 0.81
C SER A 8 8.78 3.73 2.32
N ALA A 9 9.04 4.85 2.94
CA ALA A 9 8.78 4.98 4.41
C ALA A 9 7.39 5.61 4.65
N GLY A 10 6.36 4.98 4.15
CA GLY A 10 4.97 5.52 4.34
C GLY A 10 4.08 5.10 3.16
N GLY A 11 4.32 5.66 2.00
CA GLY A 11 3.51 5.33 0.78
C GLY A 11 3.49 3.81 0.54
N ALA A 12 4.61 3.14 0.70
CA ALA A 12 4.66 1.66 0.48
C ALA A 12 3.66 0.95 1.41
N VAL A 13 3.63 1.34 2.67
CA VAL A 13 2.68 0.72 3.66
C VAL A 13 1.23 0.96 3.18
N PHE A 14 0.95 2.15 2.67
CA PHE A 14 -0.43 2.48 2.17
C PHE A 14 -0.76 1.59 0.96
N VAL A 15 0.18 1.41 0.05
CA VAL A 15 -0.05 0.54 -1.15
C VAL A 15 -0.40 -0.89 -0.70
N GLY A 16 0.30 -1.40 0.29
CA GLY A 16 0.02 -2.79 0.80
C GLY A 16 -1.39 -2.86 1.39
N LEU A 17 -1.80 -1.82 2.10
CA LEU A 17 -3.18 -1.79 2.71
C LEU A 17 -4.24 -1.80 1.60
N VAL A 18 -4.06 -1.01 0.56
CA VAL A 18 -5.05 -0.96 -0.56
C VAL A 18 -5.14 -2.35 -1.21
N LEU A 19 -4.03 -3.03 -1.36
CA LEU A 19 -4.04 -4.39 -1.97
C LEU A 19 -4.83 -5.33 -1.04
N LEU A 20 -4.70 -5.17 0.26
CA LEU A 20 -5.46 -6.04 1.22
C LEU A 20 -6.97 -5.76 1.12
N THR A 21 -7.35 -4.56 0.71
CA THR A 21 -8.82 -4.22 0.59
C THR A 21 -9.47 -5.03 -0.54
N LEU A 22 -8.81 -5.20 -1.67
CA LEU A 22 -9.41 -5.98 -2.81
C LEU A 22 -8.79 -7.37 -2.94
N SER A 23 -7.50 -7.52 -2.69
CA SER A 23 -6.85 -8.86 -2.82
C SER A 23 -6.55 -9.46 -1.43
N PRO A 24 -7.44 -10.30 -0.96
CA PRO A 24 -7.26 -10.95 0.37
C PRO A 24 -6.14 -12.02 0.33
N HIS A 25 -5.86 -12.64 1.44
CA HIS A 25 -4.79 -13.69 1.50
C HIS A 25 -5.07 -14.72 2.61
N TYR A 26 -6.31 -15.14 2.75
CA TYR A 26 -6.66 -16.14 3.81
C TYR A 26 -7.02 -17.51 3.19
N LYS A 27 -6.58 -18.58 3.79
CA LYS A 27 -6.89 -19.94 3.26
C LYS A 27 -7.52 -20.81 4.37
N MET A 1 12.39 -4.70 -7.58
CA MET A 1 12.15 -4.16 -8.96
C MET A 1 10.63 -4.06 -9.20
N ASP A 2 10.11 -2.86 -9.20
CA ASP A 2 8.64 -2.66 -9.42
C ASP A 2 8.39 -1.59 -10.49
N ARG A 3 8.02 -2.00 -11.68
CA ARG A 3 7.77 -1.02 -12.78
C ARG A 3 6.30 -1.12 -13.25
N GLU A 4 5.99 -0.49 -14.37
CA GLU A 4 4.59 -0.52 -14.92
C GLU A 4 3.56 -0.05 -13.87
N MET A 5 3.86 1.03 -13.19
CA MET A 5 2.94 1.59 -12.13
C MET A 5 2.58 0.52 -11.09
N ALA A 6 3.50 0.20 -10.21
CA ALA A 6 3.23 -0.83 -9.15
C ALA A 6 2.78 -0.17 -7.84
N ALA A 7 1.96 0.87 -7.93
CA ALA A 7 1.45 1.59 -6.72
C ALA A 7 2.59 2.09 -5.81
N SER A 8 2.97 3.33 -5.96
CA SER A 8 4.07 3.90 -5.11
C SER A 8 3.66 5.24 -4.48
N ALA A 9 2.37 5.45 -4.26
CA ALA A 9 1.90 6.74 -3.65
C ALA A 9 1.30 6.50 -2.25
N GLY A 10 1.52 5.35 -1.65
CA GLY A 10 0.96 5.07 -0.29
C GLY A 10 2.08 5.10 0.75
N GLY A 11 3.07 5.94 0.58
CA GLY A 11 4.20 6.02 1.56
C GLY A 11 4.85 4.65 1.77
N ALA A 12 4.86 3.80 0.76
CA ALA A 12 5.46 2.41 0.88
C ALA A 12 4.86 1.66 2.08
N VAL A 13 3.64 1.97 2.41
CA VAL A 13 2.93 1.30 3.55
C VAL A 13 1.45 1.14 3.15
N PHE A 14 0.80 2.24 2.84
CA PHE A 14 -0.63 2.23 2.42
C PHE A 14 -0.80 1.39 1.14
N VAL A 15 0.22 1.31 0.30
CA VAL A 15 0.14 0.51 -0.96
C VAL A 15 -0.29 -0.94 -0.63
N GLY A 16 0.35 -1.57 0.34
CA GLY A 16 -0.01 -2.96 0.72
C GLY A 16 -1.44 -2.99 1.29
N LEU A 17 -1.81 -1.99 2.07
CA LEU A 17 -3.19 -1.92 2.65
C LEU A 17 -4.24 -1.88 1.52
N VAL A 18 -3.99 -1.12 0.49
CA VAL A 18 -4.96 -1.04 -0.66
C VAL A 18 -5.11 -2.42 -1.30
N LEU A 19 -4.01 -3.13 -1.49
CA LEU A 19 -4.08 -4.50 -2.09
C LEU A 19 -4.87 -5.45 -1.17
N LEU A 20 -4.84 -5.21 0.12
CA LEU A 20 -5.58 -6.07 1.09
C LEU A 20 -7.09 -5.77 0.99
N THR A 21 -7.45 -4.51 0.98
CA THR A 21 -8.90 -4.14 0.87
C THR A 21 -9.44 -4.53 -0.52
N LEU A 22 -8.64 -4.38 -1.55
CA LEU A 22 -9.08 -4.76 -2.93
C LEU A 22 -8.40 -6.07 -3.36
N SER A 23 -8.41 -7.06 -2.51
CA SER A 23 -7.77 -8.38 -2.86
C SER A 23 -8.81 -9.32 -3.48
N PRO A 24 -8.42 -10.04 -4.51
CA PRO A 24 -9.35 -10.99 -5.18
C PRO A 24 -9.65 -12.18 -4.26
N HIS A 25 -10.91 -12.51 -4.10
CA HIS A 25 -11.29 -13.66 -3.20
C HIS A 25 -12.54 -14.37 -3.75
N TYR A 26 -12.40 -15.05 -4.87
CA TYR A 26 -13.57 -15.79 -5.48
C TYR A 26 -14.15 -16.79 -4.47
N LYS A 27 -13.32 -17.44 -3.70
CA LYS A 27 -13.80 -18.43 -2.68
C LYS A 27 -12.97 -18.30 -1.39
N MET A 1 3.11 17.41 -8.38
CA MET A 1 4.33 18.19 -8.72
C MET A 1 5.44 17.92 -7.69
N ASP A 2 6.59 17.49 -8.14
CA ASP A 2 7.74 17.19 -7.22
C ASP A 2 7.33 16.14 -6.16
N ARG A 3 7.74 16.30 -4.92
CA ARG A 3 7.37 15.30 -3.86
C ARG A 3 5.91 15.52 -3.42
N GLU A 4 5.61 15.49 -2.13
CA GLU A 4 4.21 15.68 -1.60
C GLU A 4 3.25 14.57 -2.07
N MET A 5 3.76 13.51 -2.65
CA MET A 5 2.89 12.38 -3.11
C MET A 5 3.60 11.02 -2.99
N ALA A 6 4.68 10.93 -2.23
CA ALA A 6 5.41 9.62 -2.08
C ALA A 6 5.62 9.29 -0.59
N ALA A 7 4.77 9.79 0.29
CA ALA A 7 4.92 9.49 1.75
C ALA A 7 3.64 8.83 2.29
N SER A 8 2.90 8.15 1.45
CA SER A 8 1.64 7.48 1.90
C SER A 8 1.99 6.31 2.84
N ALA A 9 1.70 6.47 4.12
CA ALA A 9 1.99 5.43 5.16
C ALA A 9 3.43 4.90 4.97
N GLY A 10 4.40 5.78 5.12
CA GLY A 10 5.83 5.40 4.95
C GLY A 10 6.13 5.15 3.45
N GLY A 11 5.29 5.65 2.57
CA GLY A 11 5.49 5.47 1.10
C GLY A 11 5.57 3.97 0.76
N ALA A 12 4.76 3.15 1.41
CA ALA A 12 4.79 1.68 1.13
C ALA A 12 3.59 0.98 1.78
N VAL A 13 3.44 1.07 3.08
CA VAL A 13 2.29 0.41 3.79
C VAL A 13 0.95 0.86 3.19
N PHE A 14 0.88 2.06 2.65
CA PHE A 14 -0.39 2.54 2.03
C PHE A 14 -0.74 1.69 0.81
N VAL A 15 0.25 1.39 -0.03
CA VAL A 15 0.01 0.56 -1.25
C VAL A 15 -0.38 -0.87 -0.79
N GLY A 16 0.33 -1.42 0.16
CA GLY A 16 0.01 -2.80 0.67
C GLY A 16 -1.40 -2.81 1.29
N LEU A 17 -1.75 -1.76 2.00
CA LEU A 17 -3.11 -1.68 2.64
C LEU A 17 -4.19 -1.69 1.55
N VAL A 18 -4.01 -0.91 0.50
CA VAL A 18 -5.02 -0.86 -0.62
C VAL A 18 -5.16 -2.27 -1.22
N LEU A 19 -4.06 -2.96 -1.39
CA LEU A 19 -4.10 -4.36 -1.97
C LEU A 19 -4.83 -5.31 -1.00
N LEU A 20 -4.65 -5.13 0.30
CA LEU A 20 -5.34 -6.02 1.29
C LEU A 20 -6.86 -5.83 1.19
N THR A 21 -7.31 -4.62 0.95
CA THR A 21 -8.78 -4.35 0.81
C THR A 21 -9.28 -5.01 -0.47
N LEU A 22 -8.48 -4.99 -1.52
CA LEU A 22 -8.86 -5.62 -2.82
C LEU A 22 -8.94 -7.15 -2.65
N SER A 23 -8.02 -7.72 -1.89
CA SER A 23 -8.02 -9.19 -1.66
C SER A 23 -9.30 -9.62 -0.93
N PRO A 24 -9.62 -10.90 -1.00
CA PRO A 24 -10.84 -11.44 -0.32
C PRO A 24 -10.69 -11.42 1.21
N HIS A 25 -10.75 -10.24 1.80
CA HIS A 25 -10.63 -10.11 3.29
C HIS A 25 -11.82 -9.31 3.81
N TYR A 26 -12.02 -8.12 3.30
CA TYR A 26 -13.17 -7.28 3.76
C TYR A 26 -14.36 -7.54 2.83
N LYS A 27 -15.40 -8.17 3.33
CA LYS A 27 -16.60 -8.47 2.48
C LYS A 27 -17.88 -8.45 3.34
#